data_8V65
#
_entry.id   8V65
#
_cell.length_a   229.666
_cell.length_b   229.666
_cell.length_c   67.712
_cell.angle_alpha   90.00
_cell.angle_beta   90.00
_cell.angle_gamma   120.00
#
_symmetry.space_group_name_H-M   'H 3'
#
loop_
_entity.id
_entity.type
_entity.pdbx_description
1 polymer Saxiphilin
2 non-polymer 'PENTAETHYLENE GLYCOL'
3 non-polymer '(3aS,4R,7R,9R,10aS)-2,6-diamino-10,10-dihydroxy-4-(hydroxymethyl)-3a,4,9,10-tetrahydro-1H,8H-pyrrolo[1,2-c]purin-9-yl hydrogen sulfate'
4 water water
#
_entity_poly.entity_id   1
_entity_poly.type   'polypeptide(L)'
_entity_poly.pdbx_seq_one_letter_code
;MALTFHTALYFTIVGLSFAASDARHVQWCTISHLEQKKCNDLVGSCNVPDITLACVYRSSTENCMAAIKDGQADAMFLDS
GDVYKASLDHYNLKPIIAEPYSLHRELTKCLKHRQESLGGDKMVKGRYIPQCDEKGNYHPVQCHASTGYCWCVNANGEKI
EGTNTTPVQTPPTCPSQVLTKCLKERQEALGGKRIAIGRYIPQCDEQGNYRPMQCHGSTGYCWCVNAIGEKIEGTNTPPG
NTQPTCQSHDWDTCHYAVAVVKNSSTFQFGQLKGKRSCHSGLSKTDGWNAPVNVFVEKKLLPWDGLAKGSIERAVSKFFS
ASCIPGATETNLCKQCIGEEEKKCKSSHDEPYYGDHGAFRCLQEDKGDVAFLKNTALPDEHSGVYELLCPDNTRKPLNKY
KECNLGKVPADAVVTRKAGDKTKDINDFLLEAQKKKCKLFGSPHGKDLMFDDSTTHLAPLPSEIDAFFFLGVKWYNAMKA
LTEDVKLPSKNKVRWCTINKPEMMKCKDWAAVSGGAIACTEASCPEHCVKQILKGEADAVTLDVQYMYMALMCGLLPAVE
EYPNKDDFHPCQIPGSTIKDFGTKRAVALVKKSNKDIKWNNLKGKKSCHTHVGDIPGWVIPAGLISNQNDNIDIESFFGE
SCAPGSDTNSKLCKLCIGDPENPKASTRCSLSDKEAYYGNEGAFRCLVEKGDVAFVPHTVVFANTDGKNPAEWAKDLKSE
DFEILCLDGSRAPVTNYRGCNLSGLPPRAIVTREESVSDVVRILINQQSLYGRNGFEKDMFQMFSSAKGQNLLFNDETQC
LIEFDRQPKDIMEDYFGVRYYTAVYSASRSAVPSELIPACTFKHCSNSLEVLFQ
;
_entity_poly.pdbx_strand_id   A
#
# COMPACT_ATOMS: atom_id res chain seq x y z
N ARG A 24 -6.81 18.14 -25.86
CA ARG A 24 -6.57 16.87 -25.18
C ARG A 24 -7.58 15.82 -25.60
N HIS A 25 -7.10 14.61 -25.84
CA HIS A 25 -7.93 13.53 -26.35
C HIS A 25 -7.73 12.28 -25.49
N VAL A 26 -8.79 11.48 -25.39
CA VAL A 26 -8.71 10.15 -24.81
C VAL A 26 -9.35 9.20 -25.82
N GLN A 27 -8.58 8.21 -26.28
CA GLN A 27 -9.06 7.22 -27.23
C GLN A 27 -9.40 5.93 -26.48
N TRP A 28 -10.67 5.60 -26.42
CA TRP A 28 -11.11 4.39 -25.73
C TRP A 28 -11.20 3.23 -26.72
N CYS A 29 -10.67 2.08 -26.32
CA CYS A 29 -10.75 0.89 -27.16
C CYS A 29 -11.97 0.07 -26.79
N THR A 30 -12.83 -0.19 -27.78
CA THR A 30 -14.02 -1.00 -27.59
C THR A 30 -13.83 -2.35 -28.28
N ILE A 31 -14.48 -3.38 -27.75
CA ILE A 31 -14.25 -4.74 -28.19
C ILE A 31 -15.40 -5.28 -29.02
N SER A 32 -16.42 -4.49 -29.29
CA SER A 32 -17.60 -5.02 -29.96
C SER A 32 -18.35 -3.92 -30.66
N HIS A 33 -19.22 -4.33 -31.58
CA HIS A 33 -20.11 -3.40 -32.25
C HIS A 33 -21.00 -2.68 -31.24
N LEU A 34 -21.53 -3.42 -30.26
CA LEU A 34 -22.41 -2.81 -29.27
C LEU A 34 -21.66 -1.83 -28.38
N GLU A 35 -20.47 -2.22 -27.90
CA GLU A 35 -19.69 -1.32 -27.05
C GLU A 35 -19.30 -0.06 -27.80
N GLN A 36 -18.89 -0.20 -29.06
CA GLN A 36 -18.54 0.98 -29.86
C GLN A 36 -19.74 1.92 -29.99
N LYS A 37 -20.94 1.35 -30.14
CA LYS A 37 -22.15 2.18 -30.20
C LYS A 37 -22.37 2.94 -28.90
N LYS A 38 -22.20 2.28 -27.76
CA LYS A 38 -22.32 3.00 -26.48
C LYS A 38 -21.23 4.06 -26.35
N CYS A 39 -20.00 3.72 -26.73
CA CYS A 39 -18.92 4.70 -26.61
C CYS A 39 -19.19 5.91 -27.51
N ASN A 40 -19.74 5.65 -28.71
CA ASN A 40 -20.10 6.76 -29.60
C ASN A 40 -21.16 7.66 -28.98
N ASP A 41 -22.14 7.06 -28.30
CA ASP A 41 -23.18 7.87 -27.66
C ASP A 41 -22.57 8.81 -26.63
N LEU A 42 -21.58 8.34 -25.88
CA LEU A 42 -20.94 9.16 -24.87
C LEU A 42 -20.14 10.31 -25.48
N VAL A 43 -19.57 10.10 -26.67
CA VAL A 43 -18.88 11.19 -27.35
C VAL A 43 -19.82 12.37 -27.54
N GLY A 44 -21.07 12.09 -27.93
CA GLY A 44 -22.05 13.15 -28.11
C GLY A 44 -22.69 13.64 -26.83
N SER A 45 -23.04 12.73 -25.92
CA SER A 45 -23.86 13.11 -24.78
C SER A 45 -23.04 13.66 -23.62
N CYS A 46 -21.81 13.20 -23.43
CA CYS A 46 -21.00 13.59 -22.30
C CYS A 46 -20.05 14.71 -22.74
N ASN A 47 -20.26 15.90 -22.19
CA ASN A 47 -19.47 17.08 -22.55
C ASN A 47 -18.51 17.38 -21.40
N VAL A 48 -17.27 16.94 -21.55
CA VAL A 48 -16.20 17.25 -20.61
C VAL A 48 -15.34 18.33 -21.24
N PRO A 49 -15.27 19.53 -20.65
CA PRO A 49 -14.42 20.57 -21.22
C PRO A 49 -12.95 20.15 -21.18
N ASP A 50 -12.21 20.60 -22.19
CA ASP A 50 -10.76 20.43 -22.31
C ASP A 50 -10.34 19.05 -22.79
N ILE A 51 -11.22 18.04 -22.68
CA ILE A 51 -10.87 16.67 -23.00
C ILE A 51 -11.95 16.07 -23.88
N THR A 52 -11.56 15.56 -25.04
CA THR A 52 -12.50 14.97 -26.00
C THR A 52 -12.32 13.46 -26.01
N LEU A 53 -13.43 12.73 -25.91
CA LEU A 53 -13.42 11.28 -25.98
C LEU A 53 -13.55 10.82 -27.44
N ALA A 54 -12.80 9.78 -27.78
CA ALA A 54 -12.92 9.13 -29.08
C ALA A 54 -12.94 7.63 -28.89
N CYS A 55 -13.54 6.93 -29.84
CA CYS A 55 -13.76 5.49 -29.71
C CYS A 55 -13.10 4.76 -30.87
N VAL A 56 -12.33 3.73 -30.55
CA VAL A 56 -11.59 2.92 -31.52
C VAL A 56 -12.03 1.47 -31.38
N TYR A 57 -12.57 0.91 -32.46
CA TYR A 57 -13.09 -0.46 -32.46
C TYR A 57 -11.99 -1.48 -32.74
N ARG A 58 -12.00 -2.57 -31.97
CA ARG A 58 -11.27 -3.79 -32.28
C ARG A 58 -12.19 -4.96 -31.99
N SER A 59 -11.82 -6.14 -32.48
CA SER A 59 -12.76 -7.26 -32.51
C SER A 59 -12.78 -8.09 -31.23
N SER A 60 -11.86 -7.86 -30.30
CA SER A 60 -11.79 -8.68 -29.11
C SER A 60 -10.99 -7.96 -28.04
N THR A 61 -11.02 -8.52 -26.84
CA THR A 61 -10.25 -7.96 -25.74
C THR A 61 -8.76 -7.94 -26.06
N GLU A 62 -8.24 -9.04 -26.61
CA GLU A 62 -6.81 -9.14 -26.88
C GLU A 62 -6.38 -8.16 -27.97
N ASN A 63 -7.21 -7.98 -29.00
CA ASN A 63 -6.84 -7.01 -30.04
C ASN A 63 -6.85 -5.59 -29.50
N CYS A 64 -7.67 -5.31 -28.48
CA CYS A 64 -7.64 -3.99 -27.88
C CYS A 64 -6.40 -3.80 -27.01
N MET A 65 -6.02 -4.82 -26.23
CA MET A 65 -4.77 -4.72 -25.47
C MET A 65 -3.59 -4.44 -26.37
N ALA A 66 -3.57 -5.03 -27.56
CA ALA A 66 -2.50 -4.76 -28.51
C ALA A 66 -2.59 -3.35 -29.08
N ALA A 67 -3.82 -2.87 -29.32
CA ALA A 67 -3.99 -1.49 -29.79
C ALA A 67 -3.48 -0.49 -28.77
N ILE A 68 -3.69 -0.74 -27.48
CA ILE A 68 -3.21 0.20 -26.47
C ILE A 68 -1.69 0.13 -26.37
N LYS A 69 -1.13 -1.08 -26.40
CA LYS A 69 0.33 -1.20 -26.42
C LYS A 69 0.93 -0.42 -27.60
N ASP A 70 0.29 -0.49 -28.76
CA ASP A 70 0.80 0.14 -29.97
C ASP A 70 0.45 1.63 -30.09
N GLY A 71 -0.34 2.18 -29.17
CA GLY A 71 -0.71 3.58 -29.27
C GLY A 71 -1.90 3.86 -30.16
N GLN A 72 -2.56 2.83 -30.70
CA GLN A 72 -3.78 3.02 -31.47
C GLN A 72 -4.92 3.51 -30.59
N ALA A 73 -4.87 3.19 -29.29
CA ALA A 73 -5.87 3.63 -28.33
C ALA A 73 -5.16 3.82 -26.99
N ASP A 74 -5.91 4.33 -26.00
CA ASP A 74 -5.32 4.75 -24.74
C ASP A 74 -5.84 3.98 -23.52
N ALA A 75 -7.07 3.48 -23.56
CA ALA A 75 -7.64 2.95 -22.32
C ALA A 75 -8.74 1.95 -22.64
N MET A 76 -8.94 1.01 -21.72
CA MET A 76 -10.08 0.10 -21.75
C MET A 76 -10.27 -0.45 -20.36
N PHE A 77 -11.45 -0.98 -20.10
CA PHE A 77 -11.80 -1.60 -18.83
C PHE A 77 -11.60 -3.12 -18.94
N LEU A 78 -10.86 -3.69 -18.01
CA LEU A 78 -10.50 -5.12 -18.06
C LEU A 78 -10.93 -5.87 -16.81
N ASP A 79 -11.46 -7.08 -17.02
CA ASP A 79 -11.57 -8.05 -15.95
C ASP A 79 -10.20 -8.29 -15.30
N SER A 80 -10.22 -8.54 -13.99
CA SER A 80 -9.00 -8.78 -13.23
C SER A 80 -8.12 -9.86 -13.86
N GLY A 81 -8.72 -10.89 -14.46
CA GLY A 81 -7.92 -11.90 -15.15
C GLY A 81 -7.17 -11.33 -16.32
N ASP A 82 -7.81 -10.44 -17.10
CA ASP A 82 -7.12 -9.77 -18.20
C ASP A 82 -6.15 -8.71 -17.72
N VAL A 83 -6.43 -8.10 -16.55
CA VAL A 83 -5.44 -7.18 -15.97
C VAL A 83 -4.13 -7.93 -15.74
N TYR A 84 -4.22 -9.17 -15.25
CA TYR A 84 -3.01 -9.96 -15.05
C TYR A 84 -2.32 -10.26 -16.39
N LYS A 85 -3.10 -10.72 -17.38
CA LYS A 85 -2.51 -11.05 -18.67
C LYS A 85 -1.88 -9.82 -19.33
N ALA A 86 -2.53 -8.66 -19.21
CA ALA A 86 -2.03 -7.44 -19.83
C ALA A 86 -0.77 -6.90 -19.16
N SER A 87 -0.50 -7.32 -17.93
CA SER A 87 0.69 -6.86 -17.23
C SER A 87 1.95 -7.59 -17.69
N LEU A 88 1.82 -8.67 -18.47
CA LEU A 88 2.99 -9.41 -18.92
C LEU A 88 3.65 -8.68 -20.10
N ASP A 89 4.87 -9.11 -20.40
CA ASP A 89 5.72 -8.34 -21.33
C ASP A 89 5.13 -8.23 -22.73
N HIS A 90 4.15 -9.08 -23.07
CA HIS A 90 3.58 -9.02 -24.41
C HIS A 90 2.76 -7.75 -24.61
N TYR A 91 2.23 -7.17 -23.54
CA TYR A 91 1.37 -6.00 -23.65
C TYR A 91 1.84 -4.84 -22.79
N ASN A 92 2.33 -5.11 -21.59
CA ASN A 92 2.92 -4.10 -20.72
C ASN A 92 1.91 -2.99 -20.40
N LEU A 93 0.73 -3.40 -19.92
CA LEU A 93 -0.30 -2.48 -19.47
C LEU A 93 -0.42 -2.55 -17.96
N LYS A 94 -1.01 -1.51 -17.36
CA LYS A 94 -1.14 -1.45 -15.91
C LYS A 94 -2.51 -0.89 -15.53
N PRO A 95 -3.05 -1.32 -14.39
CA PRO A 95 -4.33 -0.75 -13.93
C PRO A 95 -4.12 0.64 -13.35
N ILE A 96 -5.05 1.54 -13.67
CA ILE A 96 -4.96 2.91 -13.16
C ILE A 96 -6.22 3.39 -12.45
N ILE A 97 -7.40 2.81 -12.71
CA ILE A 97 -8.66 3.31 -12.15
C ILE A 97 -9.57 2.13 -11.86
N ALA A 98 -10.26 2.17 -10.71
CA ALA A 98 -11.14 1.06 -10.33
C ALA A 98 -12.14 1.53 -9.29
N GLU A 99 -13.20 0.73 -9.11
CA GLU A 99 -14.17 1.04 -8.06
C GLU A 99 -13.64 0.66 -6.69
N PRO A 100 -13.62 1.58 -5.72
CA PRO A 100 -13.15 1.23 -4.38
C PRO A 100 -14.04 0.19 -3.72
N TYR A 101 -13.42 -0.68 -2.92
CA TYR A 101 -14.18 -1.70 -2.20
C TYR A 101 -13.67 -1.78 -0.76
N SER A 102 -14.42 -2.52 0.07
CA SER A 102 -14.16 -2.62 1.49
C SER A 102 -14.19 -4.10 1.88
N LEU A 103 -13.39 -4.45 2.90
CA LEU A 103 -13.33 -5.84 3.36
C LEU A 103 -14.10 -6.07 4.65
N HIS A 104 -14.05 -5.10 5.57
CA HIS A 104 -14.76 -5.18 6.84
C HIS A 104 -14.87 -3.77 7.38
N ARG A 105 -15.67 -3.60 8.42
CA ARG A 105 -15.79 -2.28 9.03
C ARG A 105 -14.50 -1.92 9.74
N GLU A 106 -14.07 -0.68 9.59
CA GLU A 106 -12.87 -0.19 10.23
C GLU A 106 -13.22 0.97 11.16
N LEU A 107 -12.31 1.24 12.10
CA LEU A 107 -12.36 2.45 12.91
C LEU A 107 -12.39 3.68 12.00
N THR A 108 -13.06 4.73 12.48
CA THR A 108 -12.96 5.98 11.72
C THR A 108 -11.53 6.51 11.81
N LYS A 109 -11.16 7.31 10.82
CA LYS A 109 -9.79 7.83 10.77
C LYS A 109 -9.49 8.71 11.98
N CYS A 110 -10.44 9.56 12.39
CA CYS A 110 -10.21 10.40 13.56
C CYS A 110 -9.98 9.56 14.80
N LEU A 111 -10.77 8.52 15.01
CA LEU A 111 -10.61 7.73 16.22
C LEU A 111 -9.33 6.90 16.17
N LYS A 112 -8.94 6.42 15.00
CA LYS A 112 -7.64 5.75 14.87
C LYS A 112 -6.50 6.71 15.17
N HIS A 113 -6.59 7.94 14.64
CA HIS A 113 -5.58 8.96 14.90
C HIS A 113 -5.50 9.31 16.38
N ARG A 114 -6.66 9.45 17.04
CA ARG A 114 -6.66 9.69 18.48
C ARG A 114 -5.93 8.57 19.22
N GLN A 115 -6.28 7.32 18.91
CA GLN A 115 -5.66 6.18 19.57
C GLN A 115 -4.14 6.15 19.34
N GLU A 116 -3.70 6.45 18.12
CA GLU A 116 -2.27 6.45 17.82
C GLU A 116 -1.56 7.57 18.58
N SER A 117 -2.08 8.80 18.50
CA SER A 117 -1.42 9.90 19.18
C SER A 117 -1.40 9.69 20.69
N LEU A 118 -2.48 9.14 21.25
CA LEU A 118 -2.52 8.88 22.68
C LEU A 118 -1.56 7.77 23.08
N GLY A 119 -1.22 6.88 22.15
CA GLY A 119 -0.25 5.84 22.41
C GLY A 119 1.20 6.24 22.21
N GLY A 120 1.44 7.49 21.83
CA GLY A 120 2.80 7.97 21.63
C GLY A 120 3.54 8.13 22.95
N ASP A 121 4.82 8.48 22.83
CA ASP A 121 5.71 8.59 23.99
C ASP A 121 5.32 9.81 24.81
N LYS A 122 4.90 9.58 26.06
CA LYS A 122 4.40 10.66 26.89
C LYS A 122 5.49 11.65 27.26
N MET A 123 6.77 11.24 27.18
CA MET A 123 7.87 12.17 27.41
C MET A 123 8.01 13.20 26.30
N VAL A 124 7.39 12.97 25.14
CA VAL A 124 7.33 13.98 24.07
C VAL A 124 6.06 14.78 24.34
N LYS A 125 6.21 15.87 25.09
CA LYS A 125 5.06 16.62 25.59
C LYS A 125 4.53 17.58 24.53
N GLY A 126 3.28 17.98 24.72
CA GLY A 126 2.68 19.00 23.87
C GLY A 126 2.35 18.57 22.46
N ARG A 127 1.95 17.31 22.26
CA ARG A 127 1.65 16.83 20.92
C ARG A 127 0.17 17.03 20.61
N TYR A 128 -0.13 17.15 19.31
CA TYR A 128 -1.51 17.35 18.87
C TYR A 128 -2.30 16.05 19.01
N ILE A 129 -3.47 16.13 19.65
CA ILE A 129 -4.38 15.01 19.80
C ILE A 129 -5.68 15.42 19.12
N PRO A 130 -6.12 14.72 18.07
CA PRO A 130 -7.29 15.18 17.30
C PRO A 130 -8.57 15.19 18.14
N GLN A 131 -9.50 16.02 17.71
CA GLN A 131 -10.81 16.14 18.34
C GLN A 131 -11.86 15.54 17.40
N CYS A 132 -12.52 14.47 17.86
CA CYS A 132 -13.53 13.76 17.08
C CYS A 132 -14.92 14.04 17.62
N ASP A 133 -15.93 13.98 16.74
CA ASP A 133 -17.31 14.28 17.09
C ASP A 133 -18.06 13.00 17.43
N GLU A 134 -19.36 13.14 17.64
CA GLU A 134 -20.19 12.04 18.16
C GLU A 134 -20.36 10.89 17.16
N LYS A 135 -20.03 11.12 15.89
CA LYS A 135 -19.99 10.06 14.89
C LYS A 135 -18.59 9.53 14.68
N GLY A 136 -17.61 10.05 15.40
CA GLY A 136 -16.23 9.62 15.24
C GLY A 136 -15.47 10.31 14.14
N ASN A 137 -16.03 11.35 13.53
CA ASN A 137 -15.32 12.09 12.49
C ASN A 137 -14.58 13.28 13.07
N TYR A 138 -13.69 13.86 12.27
CA TYR A 138 -12.96 15.06 12.69
C TYR A 138 -13.92 16.24 12.77
N HIS A 139 -13.88 16.95 13.90
CA HIS A 139 -14.46 18.30 13.92
C HIS A 139 -13.76 19.12 12.84
N PRO A 140 -14.49 19.87 12.03
CA PRO A 140 -13.84 20.68 10.98
C PRO A 140 -12.81 21.65 11.54
N VAL A 141 -13.01 22.14 12.76
CA VAL A 141 -12.00 22.93 13.45
C VAL A 141 -11.18 22.01 14.32
N GLN A 142 -9.87 22.00 14.12
CA GLN A 142 -8.92 21.24 14.93
C GLN A 142 -8.00 22.21 15.65
N CYS A 143 -7.66 21.90 16.90
CA CYS A 143 -6.84 22.80 17.71
C CYS A 143 -5.72 22.02 18.39
N HIS A 144 -4.64 22.73 18.67
CA HIS A 144 -3.45 22.19 19.32
C HIS A 144 -3.37 22.81 20.71
N ALA A 145 -3.66 22.01 21.74
CA ALA A 145 -3.88 22.57 23.08
C ALA A 145 -2.64 23.28 23.60
N SER A 146 -1.46 22.67 23.41
CA SER A 146 -0.24 23.24 23.98
C SER A 146 0.15 24.56 23.32
N THR A 147 -0.25 24.80 22.08
CA THR A 147 0.11 26.03 21.39
C THR A 147 -1.06 26.98 21.16
N GLY A 148 -2.29 26.54 21.41
CA GLY A 148 -3.45 27.38 21.16
C GLY A 148 -3.75 27.65 19.71
N TYR A 149 -3.05 27.01 18.77
CA TYR A 149 -3.33 27.19 17.35
C TYR A 149 -4.50 26.32 16.92
N CYS A 150 -5.35 26.84 16.05
CA CYS A 150 -6.44 26.09 15.45
C CYS A 150 -6.37 26.23 13.93
N TRP A 151 -7.00 25.29 13.22
CA TRP A 151 -7.01 25.29 11.77
C TRP A 151 -8.20 24.47 11.29
N CYS A 152 -8.46 24.54 9.98
CA CYS A 152 -9.50 23.76 9.34
C CYS A 152 -8.91 22.48 8.75
N VAL A 153 -9.72 21.42 8.71
CA VAL A 153 -9.28 20.14 8.15
C VAL A 153 -10.32 19.64 7.15
N ASN A 154 -9.87 18.75 6.27
CA ASN A 154 -10.79 18.02 5.41
C ASN A 154 -11.25 16.76 6.13
N ALA A 155 -12.03 15.92 5.45
CA ALA A 155 -12.58 14.72 6.08
C ALA A 155 -11.49 13.76 6.53
N ASN A 156 -10.31 13.81 5.91
CA ASN A 156 -9.18 12.97 6.29
C ASN A 156 -8.40 13.55 7.46
N GLY A 157 -8.83 14.67 8.03
CA GLY A 157 -8.11 15.28 9.12
C GLY A 157 -6.85 15.99 8.71
N GLU A 158 -6.65 16.22 7.41
CA GLU A 158 -5.48 16.93 6.91
C GLU A 158 -5.75 18.43 6.91
N LYS A 159 -4.79 19.19 7.45
CA LYS A 159 -4.90 20.64 7.54
C LYS A 159 -5.14 21.28 6.18
N ILE A 160 -6.12 22.18 6.12
CA ILE A 160 -6.29 23.07 4.98
C ILE A 160 -5.23 24.17 5.14
N GLU A 161 -4.21 24.13 4.29
CA GLU A 161 -3.10 25.07 4.44
C GLU A 161 -3.59 26.50 4.30
N GLY A 162 -3.07 27.38 5.15
CA GLY A 162 -3.47 28.77 5.14
C GLY A 162 -4.66 29.12 6.00
N THR A 163 -5.12 28.21 6.86
CA THR A 163 -6.24 28.49 7.75
C THR A 163 -5.82 28.58 9.21
N ASN A 164 -4.53 28.46 9.51
CA ASN A 164 -4.05 28.52 10.90
C ASN A 164 -4.39 29.87 11.52
N THR A 165 -4.92 29.84 12.75
CA THR A 165 -5.16 31.04 13.54
C THR A 165 -4.48 30.90 14.88
N THR A 166 -3.85 31.97 15.34
CA THR A 166 -3.13 31.99 16.61
C THR A 166 -4.10 32.06 17.78
N PRO A 167 -3.65 31.74 18.99
CA PRO A 167 -4.57 31.79 20.15
C PRO A 167 -5.07 33.19 20.47
N VAL A 168 -4.42 34.24 19.97
CA VAL A 168 -4.91 35.59 20.18
C VAL A 168 -6.14 35.86 19.34
N GLN A 169 -6.42 35.02 18.35
CA GLN A 169 -7.60 35.13 17.50
C GLN A 169 -8.62 34.07 17.89
N THR A 170 -9.87 34.32 17.51
CA THR A 170 -10.91 33.32 17.69
C THR A 170 -10.68 32.15 16.73
N PRO A 171 -11.17 30.96 17.08
CA PRO A 171 -11.05 29.81 16.16
C PRO A 171 -11.62 30.13 14.80
N PRO A 172 -11.04 29.58 13.74
CA PRO A 172 -11.50 29.90 12.40
C PRO A 172 -12.88 29.32 12.13
N THR A 173 -13.51 29.85 11.09
CA THR A 173 -14.78 29.33 10.60
C THR A 173 -14.48 28.33 9.48
N CYS A 174 -14.85 27.08 9.69
CA CYS A 174 -14.47 26.04 8.75
C CYS A 174 -15.71 25.42 8.13
N PRO A 175 -15.66 25.11 6.83
CA PRO A 175 -16.85 24.54 6.17
C PRO A 175 -17.27 23.22 6.81
N SER A 176 -18.56 22.93 6.72
CA SER A 176 -19.10 21.72 7.32
C SER A 176 -18.53 20.48 6.62
N GLN A 177 -18.60 19.35 7.33
CA GLN A 177 -18.11 18.10 6.78
C GLN A 177 -18.91 17.69 5.56
N VAL A 178 -18.23 17.07 4.60
CA VAL A 178 -18.90 16.48 3.46
C VAL A 178 -19.84 15.39 3.96
N LEU A 179 -21.06 15.37 3.41
CA LEU A 179 -22.07 14.41 3.84
C LEU A 179 -21.65 12.98 3.47
N THR A 180 -22.23 12.01 4.19
CA THR A 180 -22.03 10.62 3.83
C THR A 180 -22.64 10.33 2.46
N LYS A 181 -22.29 9.17 1.90
CA LYS A 181 -22.86 8.77 0.62
C LYS A 181 -24.38 8.77 0.68
N CYS A 182 -24.96 8.19 1.74
CA CYS A 182 -26.42 8.09 1.84
C CYS A 182 -27.06 9.46 1.98
N LEU A 183 -26.52 10.31 2.87
CA LEU A 183 -27.10 11.62 3.07
C LEU A 183 -26.90 12.50 1.84
N LYS A 184 -25.80 12.31 1.11
CA LYS A 184 -25.58 13.10 -0.09
C LYS A 184 -26.48 12.64 -1.23
N GLU A 185 -26.65 11.32 -1.38
CA GLU A 185 -27.54 10.80 -2.40
C GLU A 185 -28.99 11.15 -2.08
N ARG A 186 -29.32 11.23 -0.79
CA ARG A 186 -30.64 11.69 -0.37
C ARG A 186 -30.85 13.15 -0.73
N GLN A 187 -29.84 13.99 -0.47
CA GLN A 187 -29.92 15.39 -0.84
C GLN A 187 -30.01 15.56 -2.36
N GLU A 188 -29.21 14.78 -3.10
CA GLU A 188 -29.28 14.81 -4.56
C GLU A 188 -30.63 14.34 -5.08
N ALA A 189 -31.17 13.27 -4.49
CA ALA A 189 -32.47 12.76 -4.91
C ALA A 189 -33.57 13.80 -4.67
N LEU A 190 -33.50 14.51 -3.55
CA LEU A 190 -34.44 15.61 -3.32
C LEU A 190 -34.16 16.76 -4.28
N GLY A 191 -32.90 17.16 -4.40
CA GLY A 191 -32.50 18.17 -5.37
C GLY A 191 -33.21 19.49 -5.22
N GLY A 192 -33.49 19.91 -3.99
CA GLY A 192 -34.27 21.11 -3.75
C GLY A 192 -35.70 20.95 -4.24
N LYS A 193 -36.59 20.50 -3.35
CA LYS A 193 -37.98 20.20 -3.70
C LYS A 193 -38.04 19.15 -4.81
N ALA A 196 -38.14 14.15 -6.31
CA ALA A 196 -38.64 13.73 -5.00
C ALA A 196 -39.85 12.81 -5.13
N ILE A 197 -40.89 13.30 -5.79
CA ILE A 197 -42.14 12.56 -5.92
C ILE A 197 -42.00 11.51 -7.03
N GLY A 198 -42.30 10.26 -6.70
CA GLY A 198 -42.27 9.18 -7.67
C GLY A 198 -40.92 8.54 -7.90
N ARG A 199 -39.87 8.99 -7.20
CA ARG A 199 -38.55 8.43 -7.36
C ARG A 199 -38.05 7.87 -6.04
N TYR A 200 -37.08 6.97 -6.14
CA TYR A 200 -36.49 6.35 -4.96
C TYR A 200 -35.68 7.39 -4.20
N ILE A 201 -35.88 7.44 -2.88
CA ILE A 201 -35.10 8.28 -1.99
C ILE A 201 -34.47 7.37 -0.94
N PRO A 202 -33.14 7.27 -0.87
CA PRO A 202 -32.53 6.32 0.07
C PRO A 202 -32.88 6.65 1.51
N GLN A 203 -32.94 5.61 2.33
CA GLN A 203 -33.23 5.76 3.75
C GLN A 203 -31.96 5.49 4.55
N CYS A 204 -31.60 6.42 5.43
CA CYS A 204 -30.31 6.38 6.11
C CYS A 204 -30.48 6.17 7.61
N ASP A 205 -29.45 5.58 8.24
CA ASP A 205 -29.48 5.37 9.67
C ASP A 205 -28.91 6.57 10.41
N GLU A 206 -28.81 6.47 11.74
CA GLU A 206 -28.34 7.59 12.54
C GLU A 206 -26.89 7.96 12.20
N GLN A 207 -26.05 6.95 11.96
CA GLN A 207 -24.66 7.21 11.63
C GLN A 207 -24.46 7.69 10.20
N GLY A 208 -25.53 7.84 9.43
CA GLY A 208 -25.43 8.28 8.06
C GLY A 208 -25.15 7.19 7.04
N ASN A 209 -25.15 5.93 7.45
CA ASN A 209 -25.01 4.83 6.51
C ASN A 209 -26.39 4.36 6.07
N TYR A 210 -26.40 3.49 5.06
CA TYR A 210 -27.66 3.00 4.52
C TYR A 210 -28.33 2.03 5.47
N ARG A 211 -29.62 2.24 5.70
CA ARG A 211 -30.44 1.23 6.36
C ARG A 211 -30.38 -0.07 5.56
N PRO A 212 -30.30 -1.23 6.23
CA PRO A 212 -30.20 -2.50 5.46
C PRO A 212 -31.38 -2.74 4.52
N MET A 213 -32.60 -2.47 4.95
CA MET A 213 -33.76 -2.56 4.05
C MET A 213 -34.04 -1.21 3.42
N GLN A 214 -34.20 -1.20 2.09
CA GLN A 214 -34.56 -0.02 1.33
C GLN A 214 -35.86 -0.29 0.59
N CYS A 215 -36.74 0.70 0.53
CA CYS A 215 -38.00 0.53 -0.19
C CYS A 215 -38.21 1.69 -1.13
N HIS A 216 -38.86 1.41 -2.26
CA HIS A 216 -39.21 2.43 -3.23
C HIS A 216 -40.53 3.06 -2.80
N GLY A 217 -40.53 4.39 -2.60
CA GLY A 217 -41.67 5.07 -2.04
C GLY A 217 -42.88 5.16 -2.94
N SER A 218 -42.77 4.72 -4.19
CA SER A 218 -43.90 4.75 -5.12
C SER A 218 -44.30 3.38 -5.65
N THR A 219 -43.34 2.49 -5.91
CA THR A 219 -43.68 1.16 -6.42
C THR A 219 -43.99 0.15 -5.33
N GLY A 220 -43.57 0.41 -4.09
CA GLY A 220 -43.76 -0.55 -3.02
C GLY A 220 -42.75 -1.68 -2.97
N TYR A 221 -41.81 -1.74 -3.92
CA TYR A 221 -40.76 -2.75 -3.88
C TYR A 221 -39.81 -2.47 -2.73
N CYS A 222 -39.25 -3.54 -2.16
CA CYS A 222 -38.21 -3.42 -1.15
C CYS A 222 -37.08 -4.40 -1.44
N TRP A 223 -35.89 -4.07 -0.96
CA TRP A 223 -34.71 -4.88 -1.21
C TRP A 223 -33.69 -4.59 -0.12
N CYS A 224 -32.61 -5.35 -0.12
CA CYS A 224 -31.52 -5.15 0.84
C CYS A 224 -30.32 -4.48 0.19
N VAL A 225 -29.60 -3.67 0.98
CA VAL A 225 -28.33 -3.07 0.58
C VAL A 225 -27.29 -3.29 1.67
N ASN A 226 -26.03 -3.30 1.26
CA ASN A 226 -24.99 -3.33 2.28
C ASN A 226 -24.75 -1.91 2.81
N ALA A 227 -23.76 -1.75 3.70
CA ALA A 227 -23.62 -0.49 4.43
C ALA A 227 -23.23 0.69 3.54
N ILE A 228 -22.64 0.45 2.38
CA ILE A 228 -22.33 1.53 1.44
C ILE A 228 -23.37 1.64 0.33
N GLY A 229 -24.51 0.97 0.49
CA GLY A 229 -25.64 1.19 -0.39
C GLY A 229 -25.68 0.33 -1.63
N GLU A 230 -24.81 -0.66 -1.74
CA GLU A 230 -24.83 -1.56 -2.89
C GLU A 230 -25.93 -2.60 -2.70
N LYS A 231 -26.70 -2.86 -3.77
CA LYS A 231 -27.82 -3.78 -3.66
C LYS A 231 -27.34 -5.20 -3.46
N ILE A 232 -28.05 -5.96 -2.63
CA ILE A 232 -27.77 -7.38 -2.45
C ILE A 232 -28.61 -8.11 -3.48
N GLU A 233 -27.97 -8.90 -4.35
CA GLU A 233 -28.80 -9.59 -5.33
C GLU A 233 -29.66 -10.66 -4.68
N GLY A 234 -30.76 -10.98 -5.36
CA GLY A 234 -31.70 -11.95 -4.84
C GLY A 234 -32.60 -11.44 -3.73
N THR A 235 -32.72 -10.13 -3.53
CA THR A 235 -33.53 -9.63 -2.43
C THR A 235 -34.64 -8.70 -2.87
N ASN A 236 -34.75 -8.37 -4.16
CA ASN A 236 -35.76 -7.42 -4.62
C ASN A 236 -37.14 -8.07 -4.54
N THR A 237 -38.07 -7.39 -3.88
CA THR A 237 -39.33 -7.99 -3.43
C THR A 237 -40.50 -7.10 -3.83
N PRO A 238 -41.42 -7.57 -4.66
CA PRO A 238 -42.60 -6.75 -5.01
C PRO A 238 -43.51 -6.58 -3.81
N PRO A 239 -44.33 -5.52 -3.78
CA PRO A 239 -45.20 -5.29 -2.63
C PRO A 239 -46.17 -6.45 -2.45
N GLY A 240 -46.50 -6.73 -1.20
CA GLY A 240 -47.37 -7.84 -0.86
C GLY A 240 -46.67 -9.16 -0.67
N ASN A 241 -45.34 -9.20 -0.75
CA ASN A 241 -44.57 -10.42 -0.58
C ASN A 241 -43.62 -10.26 0.61
N THR A 242 -43.18 -11.40 1.14
CA THR A 242 -42.24 -11.39 2.26
C THR A 242 -40.83 -11.12 1.76
N GLN A 243 -40.14 -10.21 2.42
CA GLN A 243 -38.78 -9.85 2.06
C GLN A 243 -37.78 -10.78 2.74
N PRO A 244 -36.70 -11.16 2.05
CA PRO A 244 -35.59 -11.85 2.74
C PRO A 244 -35.07 -10.97 3.87
N THR A 245 -34.48 -11.61 4.87
CA THR A 245 -33.83 -10.85 5.93
C THR A 245 -32.63 -10.12 5.36
N CYS A 246 -32.49 -8.85 5.75
CA CYS A 246 -31.34 -8.03 5.35
C CYS A 246 -30.32 -7.99 6.48
N GLN A 247 -29.06 -8.28 6.14
CA GLN A 247 -27.98 -8.28 7.12
C GLN A 247 -27.57 -6.86 7.47
N SER A 248 -27.35 -6.60 8.75
CA SER A 248 -26.90 -5.29 9.16
C SER A 248 -25.36 -5.24 9.19
N HIS A 249 -24.83 -4.02 9.11
CA HIS A 249 -23.39 -3.75 9.20
C HIS A 249 -22.58 -4.61 8.22
N ASP A 250 -23.03 -4.63 6.97
CA ASP A 250 -22.37 -5.43 5.93
C ASP A 250 -21.36 -4.54 5.21
N TRP A 251 -20.08 -4.70 5.56
CA TRP A 251 -19.00 -3.93 4.94
C TRP A 251 -18.09 -4.79 4.07
N ASP A 252 -18.51 -6.03 3.78
CA ASP A 252 -17.79 -6.90 2.83
C ASP A 252 -18.32 -6.60 1.44
N THR A 253 -17.58 -5.80 0.66
CA THR A 253 -18.07 -5.43 -0.66
C THR A 253 -17.25 -6.01 -1.80
N CYS A 254 -16.39 -6.99 -1.54
CA CYS A 254 -15.73 -7.68 -2.64
C CYS A 254 -16.77 -8.45 -3.47
N HIS A 255 -16.45 -8.69 -4.75
CA HIS A 255 -17.32 -9.51 -5.57
C HIS A 255 -16.98 -10.97 -5.35
N TYR A 256 -17.97 -11.84 -5.57
CA TYR A 256 -17.83 -13.28 -5.33
C TYR A 256 -18.11 -14.01 -6.63
N ALA A 257 -17.23 -14.94 -6.99
CA ALA A 257 -17.52 -15.87 -8.07
C ALA A 257 -18.56 -16.88 -7.59
N VAL A 258 -19.54 -17.15 -8.45
CA VAL A 258 -20.62 -18.08 -8.11
C VAL A 258 -20.91 -18.97 -9.31
N ALA A 259 -21.52 -20.11 -9.01
CA ALA A 259 -22.09 -21.00 -10.02
C ALA A 259 -23.60 -20.94 -9.88
N VAL A 260 -24.29 -20.57 -10.96
CA VAL A 260 -25.74 -20.42 -10.92
C VAL A 260 -26.37 -21.54 -11.73
N VAL A 261 -27.48 -22.09 -11.21
CA VAL A 261 -28.19 -23.20 -11.84
C VAL A 261 -29.68 -22.93 -11.71
N LYS A 262 -30.47 -23.72 -12.44
CA LYS A 262 -31.93 -23.66 -12.32
C LYS A 262 -32.41 -24.63 -11.25
N ASN A 263 -33.52 -24.28 -10.59
CA ASN A 263 -34.03 -25.17 -9.55
C ASN A 263 -34.69 -26.42 -10.13
N SER A 264 -34.83 -26.49 -11.45
CA SER A 264 -35.40 -27.65 -12.13
C SER A 264 -34.41 -28.79 -12.33
N SER A 265 -33.11 -28.55 -12.15
CA SER A 265 -32.10 -29.60 -12.16
C SER A 265 -31.82 -30.05 -10.74
N THR A 266 -31.07 -31.16 -10.60
CA THR A 266 -30.85 -31.74 -9.28
C THR A 266 -29.40 -32.11 -8.98
N PHE A 267 -28.48 -31.93 -9.92
CA PHE A 267 -27.10 -32.30 -9.64
C PHE A 267 -26.45 -31.32 -8.67
N GLN A 268 -25.41 -31.79 -8.01
CA GLN A 268 -24.60 -30.98 -7.10
C GLN A 268 -23.26 -30.67 -7.74
N PHE A 269 -22.46 -29.86 -7.03
CA PHE A 269 -21.19 -29.39 -7.60
C PHE A 269 -20.27 -30.55 -7.97
N GLY A 270 -20.22 -31.58 -7.13
CA GLY A 270 -19.31 -32.68 -7.38
C GLY A 270 -19.72 -33.60 -8.51
N GLN A 271 -20.90 -33.40 -9.08
CA GLN A 271 -21.37 -34.16 -10.23
C GLN A 271 -21.34 -33.33 -11.51
N LEU A 272 -20.44 -32.34 -11.59
CA LEU A 272 -20.40 -31.48 -12.77
C LEU A 272 -19.81 -32.18 -13.99
N LYS A 273 -19.09 -33.29 -13.82
CA LYS A 273 -18.46 -33.93 -14.96
C LYS A 273 -19.51 -34.34 -15.98
N GLY A 274 -19.28 -33.95 -17.23
CA GLY A 274 -20.18 -34.28 -18.32
C GLY A 274 -21.33 -33.32 -18.52
N LYS A 275 -21.44 -32.27 -17.71
CA LYS A 275 -22.52 -31.32 -17.90
C LYS A 275 -22.17 -30.30 -18.98
N ARG A 276 -23.17 -29.53 -19.39
CA ARG A 276 -22.96 -28.35 -20.24
C ARG A 276 -22.80 -27.12 -19.36
N SER A 277 -21.89 -26.22 -19.75
CA SER A 277 -21.59 -25.08 -18.90
C SER A 277 -21.46 -23.79 -19.71
N CYS A 278 -21.79 -22.68 -19.07
CA CYS A 278 -21.65 -21.35 -19.64
C CYS A 278 -20.68 -20.57 -18.76
N HIS A 279 -19.65 -19.99 -19.38
CA HIS A 279 -18.63 -19.25 -18.67
C HIS A 279 -18.55 -17.83 -19.20
N SER A 280 -18.24 -16.87 -18.33
CA SER A 280 -18.16 -15.49 -18.77
C SER A 280 -17.04 -15.31 -19.80
N GLY A 281 -15.99 -16.12 -19.70
CA GLY A 281 -14.90 -16.04 -20.66
C GLY A 281 -13.66 -16.80 -20.22
N LEU A 282 -12.85 -17.20 -21.21
CA LEU A 282 -11.65 -17.99 -20.94
C LEU A 282 -10.66 -17.24 -20.05
N SER A 283 -10.57 -15.92 -20.19
CA SER A 283 -9.60 -15.17 -19.42
C SER A 283 -10.20 -14.45 -18.21
N LYS A 284 -11.50 -14.62 -17.95
CA LYS A 284 -12.13 -13.95 -16.82
C LYS A 284 -11.88 -14.72 -15.52
N THR A 285 -11.66 -13.98 -14.44
CA THR A 285 -11.40 -14.64 -13.17
C THR A 285 -12.64 -15.36 -12.67
N ASP A 286 -13.82 -14.75 -12.78
CA ASP A 286 -15.03 -15.41 -12.29
C ASP A 286 -15.48 -16.54 -13.22
N GLY A 287 -15.18 -16.44 -14.51
CA GLY A 287 -15.59 -17.47 -15.45
C GLY A 287 -14.60 -18.59 -15.68
N TRP A 288 -13.36 -18.44 -15.20
CA TRP A 288 -12.33 -19.43 -15.49
C TRP A 288 -11.46 -19.74 -14.28
N ASN A 289 -10.69 -18.75 -13.81
CA ASN A 289 -9.73 -19.00 -12.74
C ASN A 289 -10.43 -19.52 -11.49
N ALA A 290 -11.51 -18.87 -11.06
CA ALA A 290 -12.18 -19.28 -9.84
C ALA A 290 -12.75 -20.70 -9.94
N PRO A 291 -13.58 -21.03 -10.94
CA PRO A 291 -14.08 -22.42 -11.00
C PRO A 291 -12.98 -23.45 -11.25
N VAL A 292 -12.03 -23.15 -12.13
CA VAL A 292 -10.95 -24.11 -12.38
C VAL A 292 -10.13 -24.35 -11.13
N ASN A 293 -9.87 -23.29 -10.36
CA ASN A 293 -9.15 -23.46 -9.09
C ASN A 293 -9.87 -24.45 -8.18
N VAL A 294 -11.20 -24.35 -8.11
CA VAL A 294 -11.98 -25.24 -7.26
C VAL A 294 -12.02 -26.65 -7.86
N PHE A 295 -12.19 -26.76 -9.18
CA PHE A 295 -12.14 -28.07 -9.83
C PHE A 295 -10.85 -28.81 -9.48
N VAL A 296 -9.73 -28.08 -9.43
CA VAL A 296 -8.43 -28.70 -9.19
C VAL A 296 -8.26 -29.07 -7.73
N GLU A 297 -8.72 -28.21 -6.82
CA GLU A 297 -8.57 -28.49 -5.40
C GLU A 297 -9.42 -29.67 -4.98
N LYS A 298 -10.59 -29.85 -5.60
CA LYS A 298 -11.49 -30.96 -5.28
C LYS A 298 -11.21 -32.20 -6.13
N LYS A 299 -10.15 -32.16 -6.95
CA LYS A 299 -9.75 -33.30 -7.78
C LYS A 299 -10.88 -33.78 -8.69
N LEU A 300 -11.82 -32.89 -9.01
CA LEU A 300 -12.76 -33.17 -10.09
C LEU A 300 -12.06 -33.22 -11.43
N LEU A 301 -10.93 -32.52 -11.54
CA LEU A 301 -10.18 -32.39 -12.77
C LEU A 301 -8.89 -33.18 -12.65
N PRO A 302 -8.67 -34.20 -13.48
CA PRO A 302 -7.38 -34.90 -13.44
C PRO A 302 -6.25 -34.04 -13.98
N TRP A 303 -5.83 -33.06 -13.20
CA TRP A 303 -4.78 -32.14 -13.60
C TRP A 303 -4.15 -31.52 -12.36
N ASP A 304 -2.82 -31.40 -12.39
CA ASP A 304 -2.10 -30.72 -11.31
C ASP A 304 -0.96 -29.82 -11.78
N GLY A 305 -0.28 -30.16 -12.88
CA GLY A 305 0.76 -29.32 -13.42
C GLY A 305 0.77 -29.37 -14.94
N LEU A 306 1.65 -28.58 -15.54
CA LEU A 306 1.74 -28.51 -17.00
C LEU A 306 2.24 -29.80 -17.62
N ALA A 307 2.58 -30.82 -16.83
CA ALA A 307 2.96 -32.11 -17.40
C ALA A 307 1.76 -32.84 -17.99
N LYS A 308 0.56 -32.57 -17.47
CA LYS A 308 -0.67 -33.15 -18.00
C LYS A 308 -1.31 -32.28 -19.08
N GLY A 309 -0.51 -31.54 -19.85
CA GLY A 309 -1.05 -30.68 -20.88
C GLY A 309 -1.57 -29.35 -20.33
N SER A 310 -2.40 -28.70 -21.14
CA SER A 310 -2.99 -27.43 -20.75
C SER A 310 -4.26 -27.66 -19.92
N ILE A 311 -4.60 -26.65 -19.12
CA ILE A 311 -5.82 -26.74 -18.33
C ILE A 311 -7.05 -26.68 -19.24
N GLU A 312 -7.01 -25.85 -20.27
CA GLU A 312 -8.13 -25.76 -21.19
C GLU A 312 -8.46 -27.12 -21.80
N ARG A 313 -7.43 -27.92 -22.11
CA ARG A 313 -7.68 -29.25 -22.64
C ARG A 313 -8.27 -30.17 -21.58
N ALA A 314 -7.79 -30.07 -20.34
CA ALA A 314 -8.36 -30.86 -19.25
C ALA A 314 -9.81 -30.48 -19.01
N VAL A 315 -10.13 -29.18 -19.05
CA VAL A 315 -11.51 -28.73 -18.93
C VAL A 315 -12.33 -29.21 -20.12
N SER A 316 -11.72 -29.31 -21.30
CA SER A 316 -12.41 -29.83 -22.48
C SER A 316 -12.87 -31.26 -22.27
N LYS A 317 -12.12 -32.06 -21.51
CA LYS A 317 -12.52 -33.42 -21.23
C LYS A 317 -13.55 -33.52 -20.10
N PHE A 318 -13.63 -32.50 -19.25
CA PHE A 318 -14.54 -32.52 -18.11
C PHE A 318 -15.98 -32.30 -18.55
N PHE A 319 -16.24 -31.17 -19.21
CA PHE A 319 -17.58 -30.85 -19.68
C PHE A 319 -17.83 -31.50 -21.03
N SER A 320 -19.11 -31.78 -21.29
CA SER A 320 -19.49 -32.34 -22.58
C SER A 320 -19.48 -31.28 -23.68
N ALA A 321 -20.07 -30.12 -23.41
CA ALA A 321 -20.07 -29.00 -24.33
C ALA A 321 -20.31 -27.72 -23.53
N SER A 322 -19.57 -26.66 -23.86
CA SER A 322 -19.67 -25.41 -23.12
C SER A 322 -19.60 -24.23 -24.09
N CYS A 323 -19.86 -23.04 -23.55
CA CYS A 323 -19.52 -21.78 -24.21
C CYS A 323 -18.54 -21.04 -23.31
N ILE A 324 -17.29 -20.93 -23.76
CA ILE A 324 -16.25 -20.27 -23.00
C ILE A 324 -15.54 -19.29 -23.93
N PRO A 325 -16.06 -18.09 -24.09
CA PRO A 325 -15.50 -17.16 -25.09
C PRO A 325 -13.99 -17.01 -24.97
N GLY A 326 -13.31 -17.08 -26.11
CA GLY A 326 -11.86 -17.04 -26.17
C GLY A 326 -11.21 -18.41 -26.22
N ALA A 327 -11.95 -19.49 -25.99
CA ALA A 327 -11.37 -20.81 -25.99
C ALA A 327 -11.08 -21.27 -27.41
N THR A 328 -10.17 -22.26 -27.52
CA THR A 328 -9.83 -22.85 -28.81
C THR A 328 -10.36 -24.27 -28.98
N GLU A 329 -10.50 -25.04 -27.88
CA GLU A 329 -11.08 -26.36 -27.96
C GLU A 329 -12.49 -26.29 -28.53
N THR A 330 -12.82 -27.24 -29.41
CA THR A 330 -14.07 -27.15 -30.18
C THR A 330 -15.29 -27.28 -29.28
N ASN A 331 -15.30 -28.28 -28.39
CA ASN A 331 -16.48 -28.49 -27.56
C ASN A 331 -16.67 -27.37 -26.54
N LEU A 332 -15.62 -26.62 -26.21
CA LEU A 332 -15.74 -25.49 -25.30
C LEU A 332 -16.25 -24.23 -26.00
N CYS A 333 -16.46 -24.27 -27.31
CA CYS A 333 -17.15 -23.21 -28.03
C CYS A 333 -18.47 -23.66 -28.63
N LYS A 334 -18.87 -24.91 -28.37
CA LYS A 334 -20.03 -25.49 -29.06
C LYS A 334 -21.33 -24.79 -28.70
N GLN A 335 -21.47 -24.32 -27.46
CA GLN A 335 -22.74 -23.75 -27.02
C GLN A 335 -22.85 -22.26 -27.30
N CYS A 336 -21.78 -21.61 -27.76
CA CYS A 336 -21.85 -20.20 -28.09
C CYS A 336 -22.70 -20.00 -29.35
N ILE A 337 -23.25 -18.80 -29.50
CA ILE A 337 -24.19 -18.56 -30.60
C ILE A 337 -23.81 -17.34 -31.42
N GLY A 338 -22.55 -16.90 -31.32
CA GLY A 338 -22.08 -15.82 -32.17
C GLY A 338 -22.12 -16.22 -33.63
N GLU A 339 -22.43 -15.24 -34.48
CA GLU A 339 -22.62 -15.49 -35.91
C GLU A 339 -21.27 -15.45 -36.62
N GLU A 340 -20.91 -16.55 -37.29
CA GLU A 340 -19.74 -16.65 -38.15
C GLU A 340 -18.49 -16.37 -37.30
N GLU A 341 -17.59 -15.48 -37.72
CA GLU A 341 -16.34 -15.26 -37.01
C GLU A 341 -16.53 -14.68 -35.61
N LYS A 342 -17.71 -14.17 -35.28
CA LYS A 342 -17.99 -13.64 -33.94
C LYS A 342 -18.22 -14.75 -32.92
N LYS A 343 -18.40 -15.99 -33.36
CA LYS A 343 -18.68 -17.08 -32.43
C LYS A 343 -17.49 -17.32 -31.49
N CYS A 344 -17.78 -17.38 -30.19
CA CYS A 344 -16.80 -17.68 -29.16
C CYS A 344 -15.73 -16.60 -29.03
N LYS A 345 -16.01 -15.40 -29.52
CA LYS A 345 -15.07 -14.29 -29.38
C LYS A 345 -15.20 -13.63 -28.01
N SER A 346 -14.07 -13.13 -27.49
CA SER A 346 -14.08 -12.35 -26.25
C SER A 346 -14.61 -10.95 -26.59
N SER A 347 -15.90 -10.89 -26.85
CA SER A 347 -16.54 -9.69 -27.38
C SER A 347 -18.05 -9.82 -27.21
N HIS A 348 -18.71 -8.69 -26.95
CA HIS A 348 -20.16 -8.67 -26.83
C HIS A 348 -20.87 -9.06 -28.12
N ASP A 349 -20.16 -9.06 -29.25
CA ASP A 349 -20.77 -9.56 -30.48
C ASP A 349 -21.06 -11.05 -30.38
N GLU A 350 -20.45 -11.75 -29.42
CA GLU A 350 -20.86 -13.09 -29.04
C GLU A 350 -21.92 -12.95 -27.95
N PRO A 351 -23.18 -13.30 -28.20
CA PRO A 351 -24.23 -13.00 -27.23
C PRO A 351 -24.07 -13.68 -25.87
N TYR A 352 -23.25 -14.72 -25.75
CA TYR A 352 -23.05 -15.39 -24.47
C TYR A 352 -21.74 -14.97 -23.79
N TYR A 353 -21.13 -13.89 -24.27
CA TYR A 353 -19.90 -13.38 -23.67
C TYR A 353 -20.22 -12.58 -22.41
N GLY A 354 -19.35 -12.73 -21.40
CA GLY A 354 -19.44 -11.91 -20.21
C GLY A 354 -20.39 -12.50 -19.18
N ASP A 355 -20.46 -11.83 -18.02
CA ASP A 355 -21.32 -12.30 -16.93
C ASP A 355 -22.76 -12.45 -17.38
N HIS A 356 -23.31 -11.43 -18.04
N HIS A 356 -23.33 -11.41 -17.98
CA HIS A 356 -24.71 -11.48 -18.44
CA HIS A 356 -24.70 -11.50 -18.44
C HIS A 356 -24.92 -12.34 -19.69
C HIS A 356 -24.83 -12.54 -19.54
N GLY A 357 -23.87 -12.61 -20.45
CA GLY A 357 -23.97 -13.57 -21.53
C GLY A 357 -23.99 -14.99 -21.02
N ALA A 358 -23.16 -15.29 -20.02
CA ALA A 358 -23.18 -16.61 -19.41
C ALA A 358 -24.53 -16.88 -18.73
N PHE A 359 -25.11 -15.87 -18.09
CA PHE A 359 -26.42 -16.09 -17.47
C PHE A 359 -27.49 -16.32 -18.53
N ARG A 360 -27.45 -15.55 -19.62
CA ARG A 360 -28.38 -15.75 -20.72
C ARG A 360 -28.23 -17.15 -21.31
N CYS A 361 -27.00 -17.66 -21.36
CA CYS A 361 -26.75 -19.01 -21.87
C CYS A 361 -27.46 -20.05 -21.00
N LEU A 362 -27.43 -19.87 -19.68
CA LEU A 362 -28.18 -20.75 -18.80
C LEU A 362 -29.68 -20.56 -18.98
N GLN A 363 -30.11 -19.29 -19.05
CA GLN A 363 -31.53 -18.97 -19.18
C GLN A 363 -32.13 -19.61 -20.41
N GLU A 364 -31.39 -19.64 -21.52
CA GLU A 364 -31.85 -20.22 -22.76
C GLU A 364 -31.53 -21.71 -22.87
N ASP A 365 -31.11 -22.33 -21.77
CA ASP A 365 -30.89 -23.77 -21.65
C ASP A 365 -29.80 -24.30 -22.55
N LYS A 366 -28.86 -23.46 -22.98
CA LYS A 366 -27.66 -23.97 -23.65
C LYS A 366 -26.63 -24.49 -22.66
N GLY A 367 -26.82 -24.25 -21.36
CA GLY A 367 -25.97 -24.82 -20.35
C GLY A 367 -26.78 -25.27 -19.16
N ASP A 368 -26.16 -26.13 -18.35
CA ASP A 368 -26.76 -26.55 -17.09
C ASP A 368 -26.30 -25.71 -15.90
N VAL A 369 -25.19 -24.99 -16.04
CA VAL A 369 -24.62 -24.17 -14.98
C VAL A 369 -23.91 -23.00 -15.64
N ALA A 370 -23.97 -21.82 -15.01
CA ALA A 370 -23.23 -20.65 -15.49
C ALA A 370 -22.24 -20.21 -14.43
N PHE A 371 -21.06 -19.78 -14.86
CA PHE A 371 -20.01 -19.31 -13.96
C PHE A 371 -19.82 -17.81 -14.18
N LEU A 372 -20.14 -17.02 -13.15
CA LEU A 372 -20.13 -15.57 -13.22
C LEU A 372 -19.92 -15.06 -11.80
N LYS A 373 -20.33 -13.82 -11.52
CA LYS A 373 -20.13 -13.28 -10.18
C LYS A 373 -21.44 -12.70 -9.66
N ASN A 374 -21.47 -12.47 -8.34
CA ASN A 374 -22.74 -12.13 -7.69
C ASN A 374 -23.38 -10.89 -8.30
N THR A 375 -22.59 -9.96 -8.83
CA THR A 375 -23.18 -8.72 -9.30
C THR A 375 -23.98 -8.92 -10.58
N ALA A 376 -23.88 -10.07 -11.23
CA ALA A 376 -24.68 -10.36 -12.41
C ALA A 376 -25.88 -11.24 -12.11
N LEU A 377 -26.11 -11.59 -10.84
CA LEU A 377 -27.26 -12.41 -10.46
C LEU A 377 -28.54 -11.57 -10.53
N PRO A 378 -29.68 -12.22 -10.73
CA PRO A 378 -30.95 -11.47 -10.76
C PRO A 378 -31.19 -10.74 -9.44
N ASP A 379 -31.83 -9.57 -9.54
CA ASP A 379 -32.15 -8.83 -8.34
C ASP A 379 -33.33 -9.43 -7.59
N GLU A 380 -34.25 -10.07 -8.31
CA GLU A 380 -35.48 -10.57 -7.71
C GLU A 380 -35.23 -11.79 -6.84
N HIS A 381 -35.96 -11.85 -5.72
CA HIS A 381 -35.80 -12.95 -4.78
C HIS A 381 -36.41 -14.24 -5.32
N SER A 382 -37.60 -14.15 -5.89
CA SER A 382 -38.31 -15.31 -6.39
C SER A 382 -37.90 -15.57 -7.83
N GLY A 383 -37.96 -16.82 -8.22
CA GLY A 383 -37.56 -17.21 -9.56
C GLY A 383 -36.98 -18.62 -9.55
N VAL A 384 -36.51 -19.02 -10.74
CA VAL A 384 -36.11 -20.39 -10.97
C VAL A 384 -34.60 -20.59 -10.83
N TYR A 385 -33.87 -19.62 -10.28
CA TYR A 385 -32.43 -19.73 -10.18
C TYR A 385 -31.97 -19.85 -8.73
N GLU A 386 -30.88 -20.58 -8.54
CA GLU A 386 -30.25 -20.71 -7.23
C GLU A 386 -28.76 -20.94 -7.44
N LEU A 387 -28.02 -21.08 -6.35
CA LEU A 387 -26.58 -21.16 -6.41
C LEU A 387 -26.12 -22.59 -6.14
N LEU A 388 -25.10 -23.00 -6.88
CA LEU A 388 -24.51 -24.33 -6.72
C LEU A 388 -23.26 -24.19 -5.86
N CYS A 389 -23.32 -24.71 -4.63
CA CYS A 389 -22.21 -24.53 -3.69
C CYS A 389 -21.18 -25.64 -3.82
N PRO A 390 -19.90 -25.32 -3.65
CA PRO A 390 -18.86 -26.35 -3.77
C PRO A 390 -18.91 -27.42 -2.69
N ASP A 391 -19.66 -27.23 -1.61
CA ASP A 391 -19.84 -28.27 -0.60
C ASP A 391 -21.00 -29.20 -0.93
N ASN A 392 -21.42 -29.25 -2.20
CA ASN A 392 -22.45 -30.17 -2.69
C ASN A 392 -23.83 -29.87 -2.12
N THR A 393 -24.12 -28.60 -1.86
CA THR A 393 -25.47 -28.13 -1.56
C THR A 393 -25.85 -27.03 -2.54
N ARG A 394 -27.13 -26.67 -2.52
CA ARG A 394 -27.64 -25.53 -3.26
C ARG A 394 -28.28 -24.53 -2.30
N LYS A 395 -28.16 -23.24 -2.61
CA LYS A 395 -28.59 -22.17 -1.72
C LYS A 395 -29.20 -21.03 -2.54
N PRO A 396 -30.01 -20.18 -1.91
CA PRO A 396 -30.66 -19.10 -2.66
C PRO A 396 -29.67 -18.05 -3.15
N LEU A 397 -30.15 -17.26 -4.11
CA LEU A 397 -29.28 -16.27 -4.77
C LEU A 397 -28.66 -15.31 -3.78
N ASN A 398 -29.40 -14.92 -2.74
CA ASN A 398 -28.87 -13.91 -1.83
C ASN A 398 -27.89 -14.48 -0.82
N LYS A 399 -27.56 -15.77 -0.89
CA LYS A 399 -26.61 -16.38 0.02
C LYS A 399 -25.24 -16.59 -0.61
N TYR A 400 -24.88 -15.79 -1.61
CA TYR A 400 -23.61 -15.99 -2.30
C TYR A 400 -22.42 -15.86 -1.36
N LYS A 401 -22.53 -15.06 -0.29
CA LYS A 401 -21.40 -14.96 0.64
C LYS A 401 -21.10 -16.30 1.32
N GLU A 402 -22.06 -17.21 1.38
CA GLU A 402 -21.79 -18.54 1.93
C GLU A 402 -21.91 -19.65 0.88
N CYS A 403 -21.96 -19.30 -0.41
CA CYS A 403 -22.13 -20.29 -1.47
C CYS A 403 -21.42 -19.73 -2.71
N ASN A 404 -20.10 -19.84 -2.73
CA ASN A 404 -19.32 -19.16 -3.76
C ASN A 404 -18.07 -19.96 -4.09
N LEU A 405 -17.41 -19.54 -5.16
CA LEU A 405 -16.13 -20.09 -5.61
C LEU A 405 -14.97 -19.16 -5.31
N GLY A 406 -15.11 -18.29 -4.31
CA GLY A 406 -14.08 -17.40 -3.84
C GLY A 406 -14.41 -15.94 -4.12
N LYS A 407 -13.85 -15.05 -3.32
CA LYS A 407 -13.80 -13.64 -3.70
C LYS A 407 -12.90 -13.49 -4.92
N VAL A 408 -13.22 -12.51 -5.77
CA VAL A 408 -12.37 -12.22 -6.93
C VAL A 408 -11.86 -10.79 -6.83
N PRO A 409 -10.74 -10.47 -7.46
CA PRO A 409 -10.23 -9.09 -7.41
C PRO A 409 -11.16 -8.12 -8.10
N ALA A 410 -10.92 -6.83 -7.82
CA ALA A 410 -11.59 -5.77 -8.57
C ALA A 410 -11.13 -5.79 -10.02
N ASP A 411 -11.94 -5.18 -10.88
CA ASP A 411 -11.59 -4.96 -12.28
C ASP A 411 -11.12 -3.52 -12.43
N ALA A 412 -10.49 -3.19 -13.57
CA ALA A 412 -9.85 -1.89 -13.62
C ALA A 412 -9.75 -1.37 -15.05
N VAL A 413 -9.72 -0.03 -15.18
CA VAL A 413 -9.28 0.60 -16.41
C VAL A 413 -7.76 0.49 -16.49
N VAL A 414 -7.24 0.16 -17.68
CA VAL A 414 -5.81 0.00 -17.86
C VAL A 414 -5.31 0.98 -18.92
N THR A 415 -4.01 1.23 -18.89
CA THR A 415 -3.32 1.97 -19.97
C THR A 415 -1.88 1.47 -20.05
N ARG A 416 -1.07 2.10 -20.89
CA ARG A 416 0.33 1.69 -21.01
C ARG A 416 1.08 1.94 -19.70
N LYS A 417 2.04 1.04 -19.41
CA LYS A 417 2.87 1.22 -18.22
C LYS A 417 3.54 2.59 -18.19
N ALA A 418 3.87 3.15 -19.35
CA ALA A 418 4.51 4.46 -19.39
C ALA A 418 3.60 5.54 -18.79
N GLY A 419 2.29 5.33 -18.84
CA GLY A 419 1.37 6.28 -18.23
C GLY A 419 1.29 7.64 -18.89
N ASP A 420 1.59 7.73 -20.18
CA ASP A 420 1.53 9.00 -20.89
C ASP A 420 0.13 9.59 -20.94
N LYS A 421 -0.91 8.76 -20.78
CA LYS A 421 -2.27 9.26 -20.83
C LYS A 421 -3.02 9.13 -19.52
N THR A 422 -2.35 8.68 -18.45
CA THR A 422 -3.03 8.42 -17.18
C THR A 422 -3.76 9.67 -16.69
N LYS A 423 -3.13 10.84 -16.77
CA LYS A 423 -3.76 12.06 -16.26
C LYS A 423 -4.99 12.42 -17.08
N ASP A 424 -4.90 12.32 -18.41
CA ASP A 424 -6.05 12.64 -19.25
C ASP A 424 -7.19 11.65 -19.03
N ILE A 425 -6.87 10.37 -18.86
CA ILE A 425 -7.90 9.38 -18.61
C ILE A 425 -8.60 9.66 -17.29
N ASN A 426 -7.80 9.90 -16.24
CA ASN A 426 -8.37 10.16 -14.92
C ASN A 426 -9.21 11.43 -14.92
N ASP A 427 -8.69 12.51 -15.52
CA ASP A 427 -9.44 13.76 -15.55
C ASP A 427 -10.77 13.59 -16.26
N PHE A 428 -10.77 12.88 -17.40
CA PHE A 428 -12.02 12.72 -18.14
C PHE A 428 -13.05 11.96 -17.31
N LEU A 429 -12.63 10.84 -16.70
CA LEU A 429 -13.59 10.02 -15.97
C LEU A 429 -14.06 10.70 -14.69
N LEU A 430 -13.20 11.48 -14.04
CA LEU A 430 -13.63 12.22 -12.86
C LEU A 430 -14.69 13.25 -13.23
N GLU A 431 -14.45 14.00 -14.31
CA GLU A 431 -15.38 15.04 -14.73
C GLU A 431 -16.66 14.43 -15.28
N ALA A 432 -16.55 13.33 -16.00
CA ALA A 432 -17.74 12.68 -16.53
C ALA A 432 -18.65 12.17 -15.41
N GLN A 433 -18.05 11.72 -14.31
CA GLN A 433 -18.84 11.24 -13.17
C GLN A 433 -19.44 12.40 -12.39
N LYS A 434 -18.69 13.50 -12.23
CA LYS A 434 -19.25 14.70 -11.64
C LYS A 434 -20.47 15.19 -12.40
N LYS A 435 -20.41 15.16 -13.74
CA LYS A 435 -21.52 15.59 -14.58
C LYS A 435 -22.60 14.53 -14.73
N LYS A 436 -22.41 13.35 -14.14
CA LYS A 436 -23.41 12.27 -14.17
C LYS A 436 -23.66 11.76 -15.58
N CYS A 437 -22.60 11.66 -16.39
CA CYS A 437 -22.75 11.08 -17.72
C CYS A 437 -23.16 9.61 -17.61
N LYS A 438 -23.77 9.10 -18.68
CA LYS A 438 -24.31 7.73 -18.70
C LYS A 438 -23.20 6.71 -18.97
N LEU A 439 -22.25 6.65 -18.03
CA LEU A 439 -21.13 5.72 -18.19
C LEU A 439 -21.54 4.28 -17.91
N PHE A 440 -22.48 4.06 -16.98
CA PHE A 440 -22.68 2.74 -16.39
C PHE A 440 -24.00 2.10 -16.79
N GLY A 441 -24.50 2.41 -17.99
CA GLY A 441 -25.67 1.74 -18.52
C GLY A 441 -25.85 2.11 -19.96
N SER A 442 -26.67 1.31 -20.66
CA SER A 442 -26.92 1.60 -22.06
C SER A 442 -28.14 0.86 -22.55
N PRO A 443 -28.95 1.46 -23.44
CA PRO A 443 -30.02 0.69 -24.09
C PRO A 443 -29.50 -0.38 -25.03
N HIS A 444 -28.23 -0.32 -25.43
CA HIS A 444 -27.69 -1.25 -26.39
C HIS A 444 -27.32 -2.60 -25.76
N GLY A 445 -27.20 -2.65 -24.44
CA GLY A 445 -26.85 -3.89 -23.79
C GLY A 445 -26.21 -3.62 -22.44
N LYS A 446 -25.90 -4.72 -21.76
CA LYS A 446 -25.37 -4.66 -20.41
C LYS A 446 -23.86 -4.84 -20.38
N ASP A 447 -23.23 -4.15 -19.44
CA ASP A 447 -21.80 -4.23 -19.19
C ASP A 447 -20.99 -3.78 -20.41
N LEU A 448 -21.50 -2.79 -21.13
CA LEU A 448 -20.74 -2.20 -22.23
C LEU A 448 -19.83 -1.11 -21.68
N MET A 449 -18.55 -1.17 -22.06
CA MET A 449 -17.52 -0.22 -21.66
C MET A 449 -17.10 -0.41 -20.21
N PHE A 450 -18.08 -0.44 -19.30
CA PHE A 450 -17.86 -0.71 -17.89
C PHE A 450 -18.93 -1.69 -17.40
N ASP A 451 -18.69 -2.26 -16.23
CA ASP A 451 -19.69 -3.12 -15.60
C ASP A 451 -20.91 -2.28 -15.21
N ASP A 452 -22.11 -2.78 -15.51
CA ASP A 452 -23.32 -2.03 -15.18
C ASP A 452 -23.47 -1.83 -13.69
N SER A 453 -22.87 -2.72 -12.89
CA SER A 453 -22.93 -2.63 -11.43
C SER A 453 -22.03 -1.53 -10.89
N THR A 454 -21.10 -1.02 -11.69
CA THR A 454 -20.20 0.04 -11.23
C THR A 454 -20.97 1.30 -10.85
N THR A 455 -20.60 1.89 -9.71
CA THR A 455 -21.17 3.17 -9.27
C THR A 455 -20.17 4.32 -9.31
N HIS A 456 -18.90 4.06 -8.97
CA HIS A 456 -17.89 5.09 -9.02
C HIS A 456 -16.54 4.47 -9.39
N LEU A 457 -15.76 5.20 -10.17
CA LEU A 457 -14.40 4.81 -10.52
C LEU A 457 -13.42 5.83 -9.97
N ALA A 458 -12.45 5.36 -9.20
CA ALA A 458 -11.50 6.24 -8.56
C ALA A 458 -10.08 5.89 -8.97
N PRO A 459 -9.17 6.87 -8.96
CA PRO A 459 -7.77 6.58 -9.32
C PRO A 459 -7.11 5.66 -8.31
N LEU A 460 -6.31 4.74 -8.82
CA LEU A 460 -5.52 3.83 -8.00
C LEU A 460 -4.23 4.52 -7.56
N PRO A 461 -3.53 3.97 -6.56
CA PRO A 461 -2.22 4.53 -6.17
C PRO A 461 -1.28 4.65 -7.36
N SER A 462 -0.44 5.70 -7.33
CA SER A 462 0.34 6.01 -8.52
C SER A 462 1.34 4.92 -8.87
N GLU A 463 1.86 4.21 -7.86
CA GLU A 463 2.83 3.16 -8.11
C GLU A 463 2.19 1.77 -8.14
N ILE A 464 0.87 1.69 -8.25
CA ILE A 464 0.23 0.38 -8.31
C ILE A 464 0.61 -0.31 -9.62
N ASP A 465 0.70 -1.64 -9.55
CA ASP A 465 0.81 -2.50 -10.72
C ASP A 465 -0.12 -3.67 -10.50
N ALA A 466 -0.13 -4.61 -11.46
CA ALA A 466 -1.03 -5.75 -11.35
C ALA A 466 -0.76 -6.56 -10.09
N PHE A 467 0.51 -6.73 -9.71
CA PHE A 467 0.81 -7.50 -8.50
C PHE A 467 0.16 -6.87 -7.26
N PHE A 468 0.37 -5.57 -7.05
CA PHE A 468 -0.19 -4.93 -5.87
C PHE A 468 -1.68 -4.69 -5.99
N PHE A 469 -2.22 -4.59 -7.22
CA PHE A 469 -3.66 -4.42 -7.40
C PHE A 469 -4.41 -5.73 -7.14
N LEU A 470 -3.92 -6.82 -7.72
CA LEU A 470 -4.56 -8.12 -7.53
C LEU A 470 -4.25 -8.75 -6.19
N GLY A 471 -3.09 -8.43 -5.61
CA GLY A 471 -2.60 -9.09 -4.41
C GLY A 471 -1.82 -10.34 -4.73
N VAL A 472 -0.90 -10.68 -3.82
CA VAL A 472 0.02 -11.79 -4.07
C VAL A 472 -0.72 -13.11 -4.22
N LYS A 473 -1.81 -13.31 -3.45
CA LYS A 473 -2.52 -14.59 -3.53
C LYS A 473 -3.17 -14.80 -4.89
N TRP A 474 -3.91 -13.81 -5.38
CA TRP A 474 -4.56 -13.97 -6.68
C TRP A 474 -3.55 -13.90 -7.82
N TYR A 475 -2.53 -13.05 -7.68
CA TYR A 475 -1.49 -12.98 -8.71
C TYR A 475 -0.84 -14.35 -8.90
N ASN A 476 -0.41 -14.98 -7.81
CA ASN A 476 0.20 -16.31 -7.90
C ASN A 476 -0.79 -17.35 -8.40
N ALA A 477 -2.05 -17.26 -7.96
CA ALA A 477 -3.06 -18.22 -8.38
C ALA A 477 -3.28 -18.17 -9.88
N MET A 478 -3.31 -16.97 -10.45
CA MET A 478 -3.47 -16.87 -11.91
C MET A 478 -2.21 -17.34 -12.63
N LYS A 479 -1.04 -17.05 -12.07
CA LYS A 479 0.20 -17.52 -12.68
C LYS A 479 0.28 -19.04 -12.66
N ALA A 480 -0.26 -19.65 -11.60
CA ALA A 480 -0.16 -21.10 -11.44
C ALA A 480 -0.89 -21.85 -12.54
N LEU A 481 -1.90 -21.22 -13.16
CA LEU A 481 -2.63 -21.87 -14.23
C LEU A 481 -1.88 -21.86 -15.56
N THR A 482 -0.81 -21.06 -15.67
CA THR A 482 -0.09 -20.89 -16.92
C THR A 482 1.28 -21.55 -16.93
N GLU A 483 1.87 -21.80 -15.76
CA GLU A 483 3.23 -22.32 -15.72
C GLU A 483 3.44 -23.02 -14.38
N ASP A 484 4.40 -23.95 -14.38
CA ASP A 484 4.81 -24.63 -13.16
C ASP A 484 5.75 -23.70 -12.39
N VAL A 485 5.23 -23.08 -11.33
CA VAL A 485 6.01 -22.11 -10.56
C VAL A 485 6.87 -22.89 -9.57
N LYS A 486 8.18 -22.94 -9.84
CA LYS A 486 9.12 -23.62 -8.95
C LYS A 486 9.36 -22.73 -7.73
N LEU A 487 8.82 -23.12 -6.59
CA LEU A 487 9.00 -22.33 -5.38
C LEU A 487 10.44 -22.47 -4.89
N PRO A 488 11.15 -21.36 -4.68
CA PRO A 488 12.55 -21.45 -4.24
C PRO A 488 12.67 -22.15 -2.90
N SER A 489 13.86 -22.69 -2.66
CA SER A 489 14.10 -23.50 -1.47
C SER A 489 14.13 -22.62 -0.22
N LYS A 490 13.58 -23.15 0.87
CA LYS A 490 13.65 -22.50 2.17
C LYS A 490 15.02 -22.64 2.83
N ASN A 491 15.95 -23.35 2.19
CA ASN A 491 17.32 -23.51 2.67
C ASN A 491 18.29 -22.56 1.98
N LYS A 492 17.80 -21.67 1.13
CA LYS A 492 18.61 -20.71 0.39
C LYS A 492 18.08 -19.31 0.68
N VAL A 493 18.98 -18.38 0.96
CA VAL A 493 18.61 -16.97 1.11
C VAL A 493 19.13 -16.23 -0.11
N ARG A 494 18.21 -15.72 -0.93
CA ARG A 494 18.58 -14.86 -2.05
C ARG A 494 18.77 -13.44 -1.52
N TRP A 495 20.01 -12.95 -1.49
CA TRP A 495 20.32 -11.64 -0.95
C TRP A 495 20.21 -10.58 -2.04
N CYS A 496 19.54 -9.47 -1.72
CA CYS A 496 19.37 -8.39 -2.68
C CYS A 496 20.48 -7.37 -2.51
N THR A 497 21.17 -7.05 -3.60
CA THR A 497 22.29 -6.13 -3.60
C THR A 497 21.92 -4.87 -4.37
N ILE A 498 22.50 -3.73 -3.96
CA ILE A 498 22.12 -2.45 -4.54
C ILE A 498 23.22 -1.81 -5.38
N ASN A 499 24.36 -2.47 -5.56
CA ASN A 499 25.38 -1.96 -6.47
C ASN A 499 26.31 -3.11 -6.89
N LYS A 500 27.13 -2.84 -7.91
CA LYS A 500 28.03 -3.88 -8.44
C LYS A 500 29.00 -4.42 -7.40
N PRO A 501 29.69 -3.61 -6.60
CA PRO A 501 30.56 -4.21 -5.57
C PRO A 501 29.83 -5.11 -4.59
N GLU A 502 28.59 -4.76 -4.21
CA GLU A 502 27.82 -5.63 -3.33
C GLU A 502 27.51 -6.95 -4.01
N MET A 503 27.13 -6.90 -5.29
CA MET A 503 26.90 -8.12 -6.05
C MET A 503 28.14 -9.01 -6.05
N MET A 504 29.32 -8.41 -6.23
CA MET A 504 30.54 -9.21 -6.28
C MET A 504 30.86 -9.81 -4.92
N LYS A 505 30.70 -9.06 -3.83
CA LYS A 505 30.92 -9.63 -2.52
C LYS A 505 29.93 -10.75 -2.25
N CYS A 506 28.69 -10.59 -2.74
CA CYS A 506 27.69 -11.63 -2.52
C CYS A 506 27.98 -12.88 -3.34
N LYS A 507 28.59 -12.73 -4.52
CA LYS A 507 28.96 -13.92 -5.29
C LYS A 507 30.10 -14.69 -4.63
N ASP A 508 31.00 -13.99 -3.94
CA ASP A 508 32.04 -14.66 -3.17
C ASP A 508 31.45 -15.38 -1.95
N TRP A 509 30.46 -14.77 -1.32
CA TRP A 509 29.73 -15.44 -0.23
C TRP A 509 29.07 -16.71 -0.73
N ALA A 510 28.39 -16.62 -1.88
CA ALA A 510 27.71 -17.79 -2.43
C ALA A 510 28.68 -18.92 -2.73
N ALA A 511 29.88 -18.57 -3.21
CA ALA A 511 30.86 -19.60 -3.56
C ALA A 511 31.30 -20.41 -2.35
N VAL A 512 31.36 -19.79 -1.17
CA VAL A 512 31.75 -20.52 0.04
C VAL A 512 30.57 -21.05 0.84
N SER A 513 29.34 -20.64 0.49
CA SER A 513 28.18 -20.92 1.32
C SER A 513 27.64 -22.34 1.14
N GLY A 514 28.09 -23.07 0.13
CA GLY A 514 27.52 -24.38 -0.13
C GLY A 514 26.07 -24.36 -0.53
N GLY A 515 25.64 -23.29 -1.22
CA GLY A 515 24.27 -23.17 -1.67
C GLY A 515 23.34 -22.44 -0.72
N ALA A 516 23.79 -22.08 0.47
CA ALA A 516 22.92 -21.37 1.41
C ALA A 516 22.65 -19.94 0.99
N ILE A 517 23.54 -19.32 0.20
CA ILE A 517 23.43 -17.92 -0.17
C ILE A 517 23.39 -17.82 -1.69
N ALA A 518 22.47 -16.99 -2.20
CA ALA A 518 22.42 -16.60 -3.61
C ALA A 518 22.27 -15.10 -3.69
N CYS A 519 22.28 -14.55 -4.89
CA CYS A 519 22.35 -13.10 -5.05
C CYS A 519 21.37 -12.60 -6.10
N THR A 520 20.76 -11.44 -5.83
CA THR A 520 19.98 -10.73 -6.84
C THR A 520 20.47 -9.29 -6.87
N GLU A 521 20.07 -8.56 -7.92
CA GLU A 521 20.52 -7.19 -8.12
C GLU A 521 19.35 -6.24 -8.29
N ALA A 522 19.40 -5.12 -7.57
CA ALA A 522 18.47 -4.01 -7.74
C ALA A 522 19.26 -2.71 -7.72
N SER A 523 18.58 -1.61 -8.04
CA SER A 523 19.26 -0.32 -8.10
C SER A 523 19.25 0.43 -6.79
N CYS A 524 18.40 0.06 -5.83
CA CYS A 524 18.24 0.84 -4.61
C CYS A 524 17.49 -0.01 -3.59
N PRO A 525 17.60 0.33 -2.30
CA PRO A 525 16.94 -0.48 -1.27
C PRO A 525 15.43 -0.62 -1.47
N GLU A 526 14.74 0.40 -1.97
CA GLU A 526 13.30 0.26 -2.17
C GLU A 526 12.99 -0.79 -3.22
N HIS A 527 13.81 -0.88 -4.27
CA HIS A 527 13.57 -1.93 -5.26
C HIS A 527 13.88 -3.31 -4.68
N CYS A 528 14.78 -3.38 -3.70
CA CYS A 528 15.00 -4.64 -2.99
C CYS A 528 13.78 -5.04 -2.18
N VAL A 529 13.13 -4.07 -1.52
CA VAL A 529 11.89 -4.37 -0.80
C VAL A 529 10.84 -4.92 -1.74
N LYS A 530 10.69 -4.31 -2.92
CA LYS A 530 9.76 -4.82 -3.91
C LYS A 530 10.09 -6.24 -4.33
N GLN A 531 11.38 -6.55 -4.53
CA GLN A 531 11.75 -7.90 -4.94
C GLN A 531 11.38 -8.91 -3.86
N ILE A 532 11.60 -8.57 -2.59
CA ILE A 532 11.27 -9.48 -1.50
C ILE A 532 9.76 -9.69 -1.43
N LEU A 533 8.98 -8.61 -1.56
CA LEU A 533 7.52 -8.73 -1.58
C LEU A 533 7.05 -9.65 -2.69
N LYS A 534 7.63 -9.53 -3.88
CA LYS A 534 7.21 -10.31 -5.04
C LYS A 534 7.88 -11.68 -5.11
N GLY A 535 8.68 -12.06 -4.12
CA GLY A 535 9.25 -13.40 -4.09
C GLY A 535 10.44 -13.61 -5.00
N GLU A 536 11.07 -12.53 -5.45
CA GLU A 536 12.27 -12.58 -6.28
C GLU A 536 13.55 -12.55 -5.45
N ALA A 537 13.48 -12.10 -4.20
CA ALA A 537 14.60 -12.10 -3.28
C ALA A 537 14.06 -12.42 -1.89
N ASP A 538 14.99 -12.62 -0.94
CA ASP A 538 14.62 -13.06 0.40
C ASP A 538 15.04 -12.12 1.51
N ALA A 539 16.10 -11.34 1.33
CA ALA A 539 16.59 -10.54 2.45
C ALA A 539 17.39 -9.36 1.92
N VAL A 540 17.45 -8.32 2.74
CA VAL A 540 18.25 -7.13 2.46
C VAL A 540 18.44 -6.41 3.78
N THR A 541 19.57 -5.72 3.91
CA THR A 541 19.84 -4.88 5.08
C THR A 541 19.36 -3.47 4.75
N LEU A 542 18.60 -2.86 5.67
CA LEU A 542 18.01 -1.56 5.42
C LEU A 542 18.49 -0.54 6.45
N ASP A 543 18.88 0.64 5.95
CA ASP A 543 19.06 1.83 6.78
C ASP A 543 17.76 2.18 7.48
N VAL A 544 17.89 2.90 8.60
CA VAL A 544 16.72 3.31 9.39
C VAL A 544 15.72 4.08 8.52
N GLN A 545 16.23 4.91 7.61
CA GLN A 545 15.37 5.75 6.76
C GLN A 545 14.47 4.94 5.83
N TYR A 546 14.67 3.64 5.71
CA TYR A 546 13.83 2.82 4.85
C TYR A 546 12.89 1.88 5.62
N MET A 547 13.04 1.76 6.92
CA MET A 547 12.28 0.77 7.68
C MET A 547 10.79 1.11 7.78
N TYR A 548 10.42 2.38 7.85
CA TYR A 548 9.00 2.69 7.93
C TYR A 548 8.26 2.16 6.71
N MET A 549 8.81 2.42 5.53
CA MET A 549 8.26 1.85 4.30
C MET A 549 8.24 0.34 4.32
N ALA A 550 9.36 -0.29 4.72
CA ALA A 550 9.43 -1.75 4.70
C ALA A 550 8.38 -2.35 5.65
N LEU A 551 8.26 -1.79 6.85
CA LEU A 551 7.29 -2.32 7.80
C LEU A 551 5.87 -2.04 7.37
N MET A 552 5.62 -0.94 6.65
CA MET A 552 4.23 -0.74 6.27
C MET A 552 3.81 -1.69 5.16
N CYS A 553 4.76 -2.07 4.30
CA CYS A 553 4.50 -3.06 3.28
C CYS A 553 4.42 -4.47 3.85
N GLY A 554 4.73 -4.66 5.12
CA GLY A 554 4.50 -5.93 5.78
C GLY A 554 5.73 -6.80 5.94
N LEU A 555 6.91 -6.30 5.60
CA LEU A 555 8.12 -7.05 5.90
C LEU A 555 8.43 -6.93 7.40
N LEU A 556 9.25 -7.85 7.88
CA LEU A 556 9.60 -7.89 9.29
C LEU A 556 11.11 -7.94 9.48
N PRO A 557 11.62 -7.36 10.55
CA PRO A 557 13.04 -7.55 10.87
C PRO A 557 13.28 -9.01 11.24
N ALA A 558 14.26 -9.62 10.57
CA ALA A 558 14.67 -10.97 10.94
C ALA A 558 15.82 -10.94 11.95
N VAL A 559 16.89 -10.21 11.61
CA VAL A 559 18.01 -9.97 12.50
C VAL A 559 18.40 -8.51 12.34
N GLU A 560 19.22 -8.02 13.27
CA GLU A 560 19.67 -6.63 13.27
C GLU A 560 21.17 -6.53 13.46
N GLU A 561 21.75 -5.45 12.94
CA GLU A 561 23.19 -5.23 13.08
C GLU A 561 23.49 -4.71 14.48
N TYR A 562 24.26 -5.49 15.24
CA TYR A 562 24.64 -5.13 16.61
C TYR A 562 25.99 -4.41 16.58
N PRO A 563 26.07 -3.14 16.97
CA PRO A 563 27.29 -2.36 16.70
C PRO A 563 28.16 -2.07 17.91
N ASN A 564 27.84 -2.62 19.08
CA ASN A 564 28.50 -2.27 20.33
C ASN A 564 29.87 -2.95 20.39
N LYS A 565 30.92 -2.17 20.19
CA LYS A 565 32.27 -2.72 20.23
C LYS A 565 32.71 -3.09 21.65
N ASP A 566 32.12 -2.47 22.67
CA ASP A 566 32.57 -2.71 24.04
C ASP A 566 32.18 -4.10 24.51
N ASP A 567 30.93 -4.49 24.29
CA ASP A 567 30.40 -5.75 24.82
C ASP A 567 30.22 -6.73 23.66
N PHE A 568 30.91 -7.87 23.73
CA PHE A 568 30.78 -8.92 22.74
C PHE A 568 30.04 -10.14 23.29
N HIS A 569 29.54 -10.07 24.53
CA HIS A 569 28.82 -11.19 25.11
C HIS A 569 27.62 -11.64 24.27
N PRO A 570 26.74 -10.76 23.78
CA PRO A 570 25.61 -11.24 22.96
C PRO A 570 26.04 -11.90 21.67
N CYS A 571 27.21 -11.57 21.13
CA CYS A 571 27.68 -12.22 19.91
C CYS A 571 28.22 -13.61 20.18
N GLN A 572 28.99 -13.77 21.27
CA GLN A 572 29.51 -15.08 21.61
C GLN A 572 28.40 -16.03 22.00
N ILE A 573 27.58 -15.64 22.99
CA ILE A 573 26.46 -16.46 23.44
C ILE A 573 25.17 -15.89 22.84
N PRO A 574 24.64 -16.46 21.77
CA PRO A 574 23.40 -15.94 21.19
C PRO A 574 22.23 -16.15 22.14
N GLY A 575 21.26 -15.23 22.05
CA GLY A 575 20.09 -15.28 22.90
C GLY A 575 20.25 -14.68 24.28
N SER A 576 21.46 -14.35 24.69
CA SER A 576 21.65 -13.79 26.02
C SER A 576 21.19 -12.33 26.05
N THR A 577 21.13 -11.78 27.26
CA THR A 577 20.62 -10.42 27.44
C THR A 577 21.65 -9.40 26.97
N ILE A 578 21.16 -8.34 26.33
CA ILE A 578 22.00 -7.25 25.84
C ILE A 578 21.83 -6.07 26.78
N LYS A 579 22.92 -5.68 27.44
CA LYS A 579 22.85 -4.53 28.34
C LYS A 579 22.67 -3.24 27.56
N ASP A 580 23.52 -3.00 26.57
CA ASP A 580 23.45 -1.80 25.74
C ASP A 580 23.64 -2.23 24.30
N PHE A 581 22.63 -1.99 23.45
CA PHE A 581 22.77 -2.31 22.05
C PHE A 581 23.80 -1.44 21.37
N GLY A 582 24.03 -0.24 21.88
CA GLY A 582 25.13 0.58 21.43
C GLY A 582 24.84 1.50 20.26
N THR A 583 23.57 1.63 19.86
CA THR A 583 23.25 2.55 18.79
C THR A 583 23.44 3.99 19.26
N LYS A 584 23.55 4.90 18.30
CA LYS A 584 23.74 6.31 18.62
C LYS A 584 22.50 6.88 19.30
N ARG A 585 22.72 7.85 20.18
CA ARG A 585 21.65 8.62 20.80
C ARG A 585 21.76 10.06 20.35
N ALA A 586 20.66 10.59 19.80
CA ALA A 586 20.63 11.99 19.43
C ALA A 586 20.45 12.84 20.69
N VAL A 587 21.32 13.83 20.87
CA VAL A 587 21.29 14.69 22.04
C VAL A 587 21.32 16.14 21.58
N ALA A 588 20.89 17.03 22.49
CA ALA A 588 21.00 18.46 22.30
C ALA A 588 22.13 18.95 23.20
N LEU A 589 23.26 19.32 22.59
CA LEU A 589 24.47 19.62 23.32
C LEU A 589 24.59 21.12 23.57
N VAL A 590 24.78 21.49 24.84
CA VAL A 590 24.90 22.89 25.25
C VAL A 590 26.09 23.02 26.20
N LYS A 591 26.55 24.25 26.37
CA LYS A 591 27.65 24.54 27.27
C LYS A 591 27.14 24.68 28.71
N LYS A 592 28.04 24.41 29.67
CA LYS A 592 27.71 24.60 31.07
C LYS A 592 27.48 26.07 31.41
N SER A 593 28.15 26.97 30.68
CA SER A 593 28.01 28.40 30.97
C SER A 593 26.63 28.92 30.64
N ASN A 594 25.98 28.35 29.62
CA ASN A 594 24.64 28.78 29.21
C ASN A 594 23.61 28.14 30.13
N LYS A 595 23.40 28.78 31.28
CA LYS A 595 22.46 28.26 32.27
C LYS A 595 21.01 28.53 31.92
N ASP A 596 20.74 29.51 31.05
CA ASP A 596 19.37 29.93 30.78
C ASP A 596 18.67 29.09 29.73
N ILE A 597 19.40 28.27 28.97
CA ILE A 597 18.83 27.51 27.87
C ILE A 597 18.25 26.19 28.38
N LYS A 598 17.04 25.88 27.95
CA LYS A 598 16.41 24.58 28.22
C LYS A 598 15.75 24.11 26.92
N TRP A 599 15.22 22.90 26.94
CA TRP A 599 14.58 22.36 25.74
C TRP A 599 13.43 23.25 25.29
N ASN A 600 12.61 23.72 26.23
CA ASN A 600 11.37 24.38 25.87
C ASN A 600 11.54 25.84 25.43
N ASN A 601 12.77 26.37 25.42
CA ASN A 601 12.96 27.76 25.01
C ASN A 601 13.95 27.90 23.85
N LEU A 602 14.25 26.82 23.13
CA LEU A 602 15.21 26.95 22.05
C LEU A 602 14.71 27.76 20.86
N LYS A 603 13.46 28.21 20.88
CA LYS A 603 12.94 28.99 19.76
C LYS A 603 13.74 30.29 19.62
N GLY A 604 14.19 30.57 18.41
CA GLY A 604 14.98 31.75 18.13
C GLY A 604 16.45 31.65 18.49
N LYS A 605 16.86 30.62 19.22
CA LYS A 605 18.27 30.47 19.58
C LYS A 605 19.08 30.05 18.36
N LYS A 606 20.40 30.00 18.54
CA LYS A 606 21.33 29.60 17.50
C LYS A 606 21.69 28.13 17.67
N SER A 607 21.47 27.34 16.63
CA SER A 607 21.67 25.90 16.68
C SER A 607 22.67 25.46 15.63
N CYS A 608 23.28 24.30 15.88
CA CYS A 608 24.27 23.73 14.98
C CYS A 608 23.87 22.30 14.65
N HIS A 609 23.70 22.02 13.36
CA HIS A 609 23.33 20.70 12.88
C HIS A 609 24.48 20.11 12.06
N THR A 610 24.66 18.79 12.18
CA THR A 610 25.68 18.10 11.39
C THR A 610 25.46 18.35 9.90
N HIS A 611 24.27 18.02 9.40
CA HIS A 611 23.85 18.36 8.05
C HIS A 611 22.37 18.00 7.89
N VAL A 612 21.74 18.61 6.89
CA VAL A 612 20.36 18.28 6.58
C VAL A 612 20.28 16.84 6.13
N GLY A 613 19.33 16.08 6.70
CA GLY A 613 19.12 14.70 6.36
C GLY A 613 19.71 13.71 7.34
N ASP A 614 20.71 14.12 8.11
CA ASP A 614 21.26 13.25 9.14
C ASP A 614 20.20 12.99 10.21
N ILE A 615 20.10 11.74 10.65
CA ILE A 615 19.02 11.36 11.57
C ILE A 615 19.27 11.97 12.94
N PRO A 616 20.42 11.74 13.60
CA PRO A 616 20.61 12.35 14.93
C PRO A 616 20.70 13.87 14.89
N GLY A 617 21.23 14.44 13.81
CA GLY A 617 21.46 15.86 13.77
C GLY A 617 20.37 16.70 13.14
N TRP A 618 19.37 16.06 12.52
CA TRP A 618 18.36 16.82 11.79
C TRP A 618 16.98 16.19 11.86
N VAL A 619 16.85 14.92 11.45
CA VAL A 619 15.53 14.30 11.34
C VAL A 619 14.86 14.22 12.72
N ILE A 620 15.59 13.79 13.73
CA ILE A 620 15.04 13.69 15.08
C ILE A 620 14.74 15.09 15.64
N PRO A 621 15.65 16.07 15.57
CA PRO A 621 15.28 17.41 16.05
C PRO A 621 14.15 18.05 15.27
N ALA A 622 14.17 17.98 13.94
CA ALA A 622 13.10 18.57 13.15
C ALA A 622 11.77 17.88 13.45
N GLY A 623 11.80 16.57 13.70
CA GLY A 623 10.57 15.86 14.02
C GLY A 623 9.96 16.31 15.33
N LEU A 624 10.80 16.49 16.36
CA LEU A 624 10.28 16.95 17.65
C LEU A 624 9.78 18.38 17.55
N ILE A 625 10.45 19.23 16.77
CA ILE A 625 10.04 20.62 16.65
C ILE A 625 8.71 20.74 15.92
N SER A 626 8.53 19.99 14.83
CA SER A 626 7.26 20.00 14.14
C SER A 626 6.15 19.37 14.98
N ASN A 627 6.48 18.39 15.82
CA ASN A 627 5.47 17.77 16.67
C ASN A 627 4.94 18.72 17.73
N GLN A 628 5.76 19.66 18.18
CA GLN A 628 5.41 20.55 19.28
C GLN A 628 5.10 21.97 18.85
N ASN A 629 5.15 22.27 17.54
CA ASN A 629 4.99 23.64 17.08
C ASN A 629 4.18 23.70 15.78
N ASP A 630 3.24 22.77 15.59
CA ASP A 630 2.30 22.82 14.46
C ASP A 630 3.02 22.77 13.12
N ASN A 631 4.04 21.91 13.04
CA ASN A 631 4.81 21.70 11.81
C ASN A 631 5.40 23.01 11.27
N ILE A 632 5.77 23.93 12.17
CA ILE A 632 6.46 25.14 11.75
C ILE A 632 7.87 24.79 11.31
N ASP A 633 8.32 25.43 10.22
CA ASP A 633 9.63 25.12 9.64
C ASP A 633 10.73 25.22 10.68
N ILE A 634 11.58 24.19 10.72
CA ILE A 634 12.78 24.23 11.55
C ILE A 634 13.68 25.37 11.11
N GLU A 635 13.58 25.79 9.85
CA GLU A 635 14.28 26.98 9.40
C GLU A 635 13.82 28.22 10.15
N SER A 636 12.50 28.35 10.33
CA SER A 636 11.94 29.50 11.02
C SER A 636 11.98 29.37 12.53
N PHE A 637 12.15 28.15 13.05
CA PHE A 637 12.14 27.96 14.50
C PHE A 637 13.34 28.64 15.16
N PHE A 638 14.54 28.39 14.64
CA PHE A 638 15.76 28.94 15.21
C PHE A 638 16.03 30.33 14.66
N GLY A 639 16.94 31.04 15.34
CA GLY A 639 17.34 32.36 14.91
C GLY A 639 18.40 32.34 13.83
N GLU A 640 19.62 31.94 14.18
CA GLU A 640 20.69 31.83 13.21
C GLU A 640 21.39 30.51 13.43
N SER A 641 21.36 29.64 12.41
CA SER A 641 21.83 28.28 12.57
C SER A 641 22.86 27.96 11.50
N CYS A 642 23.50 26.80 11.64
CA CYS A 642 24.38 26.26 10.63
C CYS A 642 23.97 24.80 10.39
N ALA A 643 23.38 24.54 9.23
CA ALA A 643 22.98 23.20 8.83
C ALA A 643 23.39 22.99 7.37
N PRO A 644 24.53 22.34 7.13
CA PRO A 644 24.99 22.16 5.75
C PRO A 644 23.94 21.43 4.91
N GLY A 645 23.74 21.93 3.69
CA GLY A 645 22.72 21.43 2.79
C GLY A 645 21.57 22.38 2.59
N SER A 646 21.40 23.36 3.47
CA SER A 646 20.35 24.36 3.34
C SER A 646 20.74 25.38 2.27
N ASP A 647 19.80 26.28 1.97
CA ASP A 647 20.06 27.34 1.01
C ASP A 647 21.03 28.35 1.61
N THR A 648 21.99 28.79 0.80
CA THR A 648 23.07 29.64 1.31
C THR A 648 22.55 30.94 1.89
N ASN A 649 21.43 31.46 1.37
CA ASN A 649 20.88 32.72 1.82
C ASN A 649 19.92 32.58 3.01
N SER A 650 19.72 31.37 3.51
CA SER A 650 18.75 31.16 4.58
C SER A 650 19.38 31.44 5.94
N LYS A 651 18.51 31.47 6.95
CA LYS A 651 18.96 31.63 8.33
C LYS A 651 19.74 30.42 8.83
N LEU A 652 19.61 29.28 8.16
CA LEU A 652 20.30 28.05 8.52
C LEU A 652 21.73 28.00 8.01
N CYS A 653 22.21 29.04 7.33
CA CYS A 653 23.58 29.09 6.85
C CYS A 653 24.33 30.33 7.31
N LYS A 654 23.70 31.22 8.07
CA LYS A 654 24.38 32.42 8.55
C LYS A 654 25.53 32.08 9.47
N LEU A 655 25.39 31.03 10.27
CA LEU A 655 26.45 30.60 11.17
C LEU A 655 27.55 29.83 10.48
N CYS A 656 27.29 29.28 9.30
CA CYS A 656 28.28 28.44 8.62
C CYS A 656 29.43 29.29 8.09
N ILE A 657 30.65 28.96 8.49
CA ILE A 657 31.82 29.70 8.02
C ILE A 657 32.15 29.35 6.58
N GLY A 658 32.38 28.06 6.33
CA GLY A 658 32.81 27.61 5.02
C GLY A 658 34.24 27.13 5.05
N ASP A 659 34.96 27.30 3.93
CA ASP A 659 36.35 26.88 3.86
C ASP A 659 37.25 27.92 4.51
N PRO A 660 38.05 27.56 5.51
CA PRO A 660 39.04 28.53 6.02
C PRO A 660 40.08 28.93 4.99
N GLU A 661 40.25 28.15 3.92
CA GLU A 661 41.08 28.54 2.78
C GLU A 661 40.19 29.11 1.67
N ASN A 662 39.58 30.26 1.99
CA ASN A 662 38.54 30.92 1.21
C ASN A 662 38.81 30.90 -0.29
N PRO A 663 37.98 30.20 -1.08
CA PRO A 663 38.15 30.12 -2.54
C PRO A 663 37.85 31.44 -3.23
N SER A 666 31.59 29.30 -3.04
CA SER A 666 32.39 29.72 -1.90
C SER A 666 32.55 28.60 -0.89
N THR A 667 31.92 27.47 -1.19
CA THR A 667 31.96 26.26 -0.34
C THR A 667 31.45 26.54 1.08
N ARG A 668 30.49 27.45 1.21
CA ARG A 668 29.81 27.71 2.48
C ARG A 668 28.48 26.98 2.51
N CYS A 669 28.15 26.40 3.66
CA CYS A 669 26.95 25.58 3.83
C CYS A 669 26.94 24.40 2.85
N SER A 670 28.13 23.91 2.50
CA SER A 670 28.26 22.81 1.54
C SER A 670 28.31 21.48 2.27
N LEU A 671 27.92 20.43 1.54
CA LEU A 671 27.85 19.07 2.08
C LEU A 671 29.17 18.32 1.91
N SER A 672 30.27 18.97 2.30
CA SER A 672 31.59 18.36 2.21
C SER A 672 32.41 18.82 3.40
N ASP A 673 33.66 18.36 3.46
CA ASP A 673 34.57 18.82 4.50
C ASP A 673 35.02 20.26 4.29
N LYS A 674 34.70 20.86 3.13
CA LYS A 674 35.00 22.27 2.91
C LYS A 674 34.32 23.14 3.96
N GLU A 675 33.09 22.79 4.34
CA GLU A 675 32.42 23.47 5.44
C GLU A 675 33.08 23.07 6.76
N ALA A 676 33.54 24.08 7.51
CA ALA A 676 34.19 23.81 8.79
C ALA A 676 33.21 23.27 9.83
N TYR A 677 31.92 23.50 9.65
CA TYR A 677 30.91 23.05 10.61
C TYR A 677 30.13 21.84 10.11
N TYR A 678 30.69 21.07 9.19
CA TYR A 678 30.02 19.90 8.64
C TYR A 678 30.37 18.66 9.45
N GLY A 679 29.39 17.76 9.58
CA GLY A 679 29.62 16.49 10.23
C GLY A 679 29.54 16.57 11.73
N ASN A 680 29.91 15.44 12.36
CA ASN A 680 29.84 15.33 13.81
C ASN A 680 30.81 16.29 14.48
N GLU A 681 32.06 16.32 14.03
CA GLU A 681 33.04 17.24 14.59
C GLU A 681 32.68 18.69 14.26
N GLY A 682 32.20 18.95 13.03
CA GLY A 682 31.91 20.31 12.64
C GLY A 682 30.81 20.95 13.43
N ALA A 683 29.73 20.21 13.69
CA ALA A 683 28.64 20.75 14.50
C ALA A 683 29.09 21.06 15.92
N PHE A 684 30.07 20.32 16.42
CA PHE A 684 30.59 20.61 17.75
C PHE A 684 31.49 21.84 17.74
N ARG A 685 32.20 22.09 16.63
CA ARG A 685 32.92 23.34 16.47
C ARG A 685 31.96 24.54 16.46
N CYS A 686 30.85 24.40 15.75
CA CYS A 686 29.87 25.48 15.67
C CYS A 686 29.34 25.83 17.05
N LEU A 687 29.19 24.84 17.93
CA LEU A 687 28.66 25.12 19.27
C LEU A 687 29.66 25.93 20.09
N VAL A 688 30.91 25.47 20.16
CA VAL A 688 31.89 26.13 21.01
C VAL A 688 32.25 27.52 20.49
N GLU A 689 32.23 27.70 19.16
CA GLU A 689 32.65 28.98 18.59
C GLU A 689 31.54 30.02 18.63
N LYS A 690 30.33 29.65 18.20
CA LYS A 690 29.29 30.64 18.02
C LYS A 690 27.88 30.04 17.99
N GLY A 691 27.50 29.32 19.04
CA GLY A 691 26.17 28.73 19.08
C GLY A 691 25.77 28.35 20.48
N ASP A 692 24.46 28.23 20.68
CA ASP A 692 23.92 27.84 21.98
C ASP A 692 23.69 26.33 22.09
N VAL A 693 23.27 25.69 21.01
CA VAL A 693 22.94 24.27 21.02
C VAL A 693 23.44 23.62 19.75
N ALA A 694 23.82 22.34 19.87
CA ALA A 694 24.22 21.53 18.73
C ALA A 694 23.53 20.18 18.80
N PHE A 695 23.00 19.72 17.67
CA PHE A 695 22.31 18.44 17.58
C PHE A 695 23.25 17.42 16.96
N VAL A 696 23.70 16.47 17.78
CA VAL A 696 24.78 15.55 17.42
C VAL A 696 24.54 14.21 18.10
N PRO A 697 25.17 13.14 17.65
CA PRO A 697 25.18 11.89 18.42
C PRO A 697 25.94 12.07 19.74
N HIS A 698 25.60 11.21 20.70
CA HIS A 698 26.13 11.34 22.05
C HIS A 698 27.65 11.15 22.11
N THR A 699 28.24 10.50 21.10
CA THR A 699 29.67 10.23 21.11
C THR A 699 30.52 11.42 20.67
N VAL A 700 29.90 12.50 20.19
CA VAL A 700 30.67 13.60 19.63
C VAL A 700 31.46 14.34 20.71
N VAL A 701 30.83 14.62 21.85
CA VAL A 701 31.49 15.44 22.85
C VAL A 701 32.66 14.70 23.48
N PHE A 702 32.52 13.38 23.69
CA PHE A 702 33.62 12.63 24.28
C PHE A 702 34.79 12.48 23.33
N ALA A 703 34.52 12.35 22.02
CA ALA A 703 35.56 12.15 21.03
C ALA A 703 36.29 13.44 20.66
N ASN A 704 35.91 14.58 21.23
CA ASN A 704 36.51 15.85 20.88
C ASN A 704 36.86 16.73 22.07
N THR A 705 36.61 16.27 23.30
CA THR A 705 37.05 16.95 24.49
C THR A 705 38.07 16.06 25.23
N ASP A 706 38.47 16.51 26.41
CA ASP A 706 39.51 15.84 27.20
C ASP A 706 40.81 15.69 26.39
N GLY A 707 41.10 16.68 25.55
CA GLY A 707 42.30 16.67 24.74
C GLY A 707 42.36 15.58 23.69
N LYS A 708 41.23 14.92 23.40
CA LYS A 708 41.23 13.83 22.43
C LYS A 708 41.34 14.32 20.99
N ASN A 709 41.12 15.61 20.75
CA ASN A 709 41.33 16.19 19.43
C ASN A 709 42.49 17.17 19.50
N PRO A 710 43.52 17.01 18.67
CA PRO A 710 44.72 17.84 18.82
C PRO A 710 44.58 19.26 18.30
N ALA A 711 43.52 19.58 17.56
CA ALA A 711 43.40 20.91 16.98
C ALA A 711 43.26 21.97 18.08
N GLU A 712 43.53 23.22 17.69
CA GLU A 712 43.62 24.30 18.67
C GLU A 712 42.26 24.71 19.21
N TRP A 713 41.20 24.56 18.41
CA TRP A 713 39.88 24.95 18.88
C TRP A 713 39.41 24.08 20.04
N ALA A 714 39.91 22.86 20.14
CA ALA A 714 39.58 21.99 21.26
C ALA A 714 40.82 21.69 22.09
N LYS A 715 41.60 22.72 22.42
CA LYS A 715 42.78 22.56 23.24
C LYS A 715 42.42 22.04 24.63
N ASP A 716 42.38 20.72 24.78
CA ASP A 716 42.05 20.08 26.05
C ASP A 716 40.72 20.57 26.60
N LEU A 717 39.73 20.71 25.72
CA LEU A 717 38.39 21.03 26.16
C LEU A 717 37.87 19.94 27.08
N LYS A 718 37.06 20.34 28.06
CA LYS A 718 36.61 19.42 29.09
C LYS A 718 35.21 18.90 28.78
N SER A 719 35.03 17.59 28.97
CA SER A 719 33.71 17.00 28.78
C SER A 719 32.71 17.51 29.81
N GLU A 720 33.17 17.79 31.02
CA GLU A 720 32.31 18.34 32.06
C GLU A 720 31.93 19.80 31.81
N ASP A 721 32.46 20.41 30.76
CA ASP A 721 32.09 21.77 30.36
C ASP A 721 30.79 21.82 29.57
N PHE A 722 30.19 20.66 29.28
CA PHE A 722 28.99 20.59 28.45
C PHE A 722 27.96 19.71 29.13
N GLU A 723 26.69 20.00 28.84
CA GLU A 723 25.57 19.17 29.29
C GLU A 723 24.61 18.97 28.14
N ILE A 724 23.64 18.08 28.36
CA ILE A 724 22.63 17.75 27.36
C ILE A 724 21.26 18.11 27.91
N LEU A 725 20.37 18.48 26.99
CA LEU A 725 19.03 18.93 27.35
C LEU A 725 18.05 17.76 27.32
N CYS A 726 17.31 17.58 28.40
CA CYS A 726 16.24 16.58 28.43
C CYS A 726 14.92 17.21 28.00
N LEU A 727 14.02 16.36 27.52
CA LEU A 727 12.75 16.83 26.97
C LEU A 727 11.84 17.44 28.04
N ASP A 728 12.12 17.23 29.32
CA ASP A 728 11.29 17.75 30.40
C ASP A 728 11.77 19.11 30.91
N GLY A 729 12.65 19.79 30.17
CA GLY A 729 13.16 21.07 30.56
C GLY A 729 14.40 21.03 31.43
N SER A 730 14.69 19.89 32.06
CA SER A 730 15.87 19.77 32.90
C SER A 730 17.11 19.54 32.05
N ARG A 731 18.26 19.35 32.72
CA ARG A 731 19.52 19.08 32.06
C ARG A 731 20.22 17.95 32.80
N ALA A 732 21.32 17.48 32.23
CA ALA A 732 22.09 16.38 32.79
C ALA A 732 23.48 16.39 32.17
N PRO A 733 24.47 15.83 32.85
CA PRO A 733 25.81 15.73 32.24
C PRO A 733 25.80 14.81 31.05
N VAL A 734 26.76 15.04 30.14
CA VAL A 734 26.83 14.30 28.89
C VAL A 734 26.96 12.80 29.07
N THR A 735 27.30 12.34 30.28
CA THR A 735 27.47 10.91 30.50
C THR A 735 26.12 10.19 30.56
N ASN A 736 25.06 10.89 30.97
CA ASN A 736 23.74 10.26 31.12
C ASN A 736 22.90 10.42 29.85
N TYR A 737 23.48 10.06 28.69
CA TYR A 737 22.76 10.18 27.43
C TYR A 737 21.68 9.12 27.28
N ARG A 738 21.76 8.03 28.05
CA ARG A 738 20.75 6.98 27.93
C ARG A 738 19.40 7.39 28.50
N GLY A 739 19.37 8.38 29.40
CA GLY A 739 18.14 8.79 30.02
C GLY A 739 17.76 10.23 29.74
N CYS A 740 18.66 10.96 29.07
CA CYS A 740 18.44 12.38 28.73
C CYS A 740 18.90 12.60 27.29
N ASN A 741 18.06 12.19 26.34
CA ASN A 741 18.37 12.34 24.92
C ASN A 741 17.11 12.71 24.17
N LEU A 742 17.28 13.20 22.95
CA LEU A 742 16.14 13.44 22.07
C LEU A 742 15.52 12.12 21.62
N SER A 743 16.34 11.23 21.05
CA SER A 743 15.88 9.88 20.76
C SER A 743 17.10 9.00 20.45
N GLY A 744 17.03 7.75 20.89
CA GLY A 744 18.00 6.76 20.43
C GLY A 744 17.56 6.21 19.09
N LEU A 745 18.55 5.92 18.24
CA LEU A 745 18.24 5.33 16.95
C LEU A 745 18.07 3.82 17.09
N PRO A 746 17.20 3.22 16.28
CA PRO A 746 17.14 1.77 16.20
C PRO A 746 18.29 1.27 15.34
N PRO A 747 18.68 0.01 15.50
CA PRO A 747 19.75 -0.54 14.66
C PRO A 747 19.24 -0.84 13.26
N ARG A 748 20.19 -0.96 12.33
CA ARG A 748 19.84 -1.43 11.00
C ARG A 748 19.32 -2.86 11.09
N ALA A 749 18.39 -3.19 10.21
CA ALA A 749 17.71 -4.47 10.27
C ALA A 749 17.77 -5.17 8.93
N ILE A 750 17.91 -6.49 8.99
CA ILE A 750 17.77 -7.36 7.82
C ILE A 750 16.31 -7.78 7.77
N VAL A 751 15.60 -7.39 6.70
CA VAL A 751 14.16 -7.60 6.61
C VAL A 751 13.86 -8.73 5.63
N THR A 752 12.73 -9.39 5.87
CA THR A 752 12.23 -10.44 4.98
C THR A 752 10.72 -10.54 5.12
N ARG A 753 10.13 -11.44 4.34
CA ARG A 753 8.71 -11.74 4.46
C ARG A 753 8.42 -12.41 5.79
N GLU A 754 7.19 -12.24 6.28
CA GLU A 754 6.85 -12.81 7.59
C GLU A 754 7.06 -14.32 7.61
N GLU A 755 6.62 -15.02 6.57
CA GLU A 755 6.72 -16.48 6.57
C GLU A 755 8.15 -16.97 6.37
N SER A 756 9.11 -16.10 6.07
CA SER A 756 10.48 -16.51 5.84
C SER A 756 11.42 -16.10 6.97
N VAL A 757 10.90 -15.43 8.00
CA VAL A 757 11.76 -14.95 9.10
C VAL A 757 12.54 -16.11 9.70
N SER A 758 11.85 -17.22 9.99
CA SER A 758 12.51 -18.33 10.69
C SER A 758 13.63 -18.93 9.86
N ASP A 759 13.41 -19.07 8.55
CA ASP A 759 14.43 -19.61 7.67
C ASP A 759 15.63 -18.66 7.57
N VAL A 760 15.37 -17.37 7.36
CA VAL A 760 16.47 -16.40 7.22
C VAL A 760 17.28 -16.32 8.50
N VAL A 761 16.62 -16.31 9.66
CA VAL A 761 17.34 -16.28 10.94
C VAL A 761 18.23 -17.51 11.05
N ARG A 762 17.69 -18.70 10.75
CA ARG A 762 18.46 -19.92 10.89
C ARG A 762 19.68 -19.92 9.97
N ILE A 763 19.49 -19.52 8.71
CA ILE A 763 20.57 -19.55 7.73
C ILE A 763 21.63 -18.51 8.06
N LEU A 764 21.20 -17.30 8.44
CA LEU A 764 22.16 -16.24 8.72
C LEU A 764 22.95 -16.51 10.00
N ILE A 765 22.30 -17.05 11.03
CA ILE A 765 23.03 -17.39 12.26
C ILE A 765 24.07 -18.46 11.97
N ASN A 766 23.73 -19.42 11.11
CA ASN A 766 24.71 -20.46 10.79
C ASN A 766 25.85 -19.90 9.96
N GLN A 767 25.55 -19.06 8.95
CA GLN A 767 26.61 -18.40 8.19
C GLN A 767 27.52 -17.60 9.11
N GLN A 768 26.94 -16.99 10.14
CA GLN A 768 27.72 -16.13 11.02
C GLN A 768 28.65 -16.94 11.92
N SER A 769 28.25 -18.18 12.25
CA SER A 769 29.14 -19.04 13.03
C SER A 769 30.37 -19.45 12.22
N LEU A 770 30.28 -19.38 10.89
CA LEU A 770 31.38 -19.73 10.01
C LEU A 770 32.20 -18.51 9.60
N TYR A 771 31.54 -17.41 9.25
CA TYR A 771 32.23 -16.28 8.64
C TYR A 771 32.02 -14.96 9.38
N GLY A 772 31.52 -15.00 10.60
CA GLY A 772 31.48 -13.81 11.43
C GLY A 772 32.86 -13.49 11.99
N ARG A 773 32.86 -12.56 12.95
CA ARG A 773 34.13 -12.08 13.52
C ARG A 773 34.85 -13.17 14.30
N ASN A 774 34.13 -14.14 14.83
CA ASN A 774 34.71 -15.30 15.49
C ASN A 774 34.33 -16.59 14.76
N GLY A 775 34.11 -16.48 13.45
CA GLY A 775 33.65 -17.63 12.69
C GLY A 775 34.67 -18.75 12.66
N PHE A 776 34.18 -19.98 12.62
CA PHE A 776 35.09 -21.12 12.58
C PHE A 776 35.86 -21.16 11.28
N GLU A 777 35.33 -20.58 10.21
CA GLU A 777 35.98 -20.57 8.90
C GLU A 777 36.22 -19.15 8.43
N LYS A 778 36.58 -18.24 9.34
CA LYS A 778 36.74 -16.85 8.96
C LYS A 778 37.92 -16.61 8.04
N ASP A 779 38.83 -17.60 7.91
CA ASP A 779 39.90 -17.45 6.93
C ASP A 779 39.38 -17.64 5.51
N MET A 780 38.21 -18.26 5.36
CA MET A 780 37.65 -18.50 4.04
C MET A 780 36.79 -17.36 3.53
N PHE A 781 36.15 -16.62 4.44
CA PHE A 781 35.29 -15.51 4.04
C PHE A 781 34.93 -14.72 5.29
N GLN A 782 34.79 -13.40 5.12
CA GLN A 782 34.43 -12.50 6.20
C GLN A 782 33.16 -11.76 5.80
N MET A 783 32.07 -11.95 6.57
CA MET A 783 30.83 -11.27 6.22
C MET A 783 30.92 -9.76 6.41
N PHE A 784 31.66 -9.29 7.42
CA PHE A 784 31.60 -7.89 7.80
C PHE A 784 32.81 -7.08 7.32
N SER A 785 33.41 -7.47 6.19
CA SER A 785 34.44 -6.66 5.57
C SER A 785 34.60 -7.09 4.12
N SER A 786 35.30 -6.27 3.33
CA SER A 786 35.58 -6.63 1.95
C SER A 786 36.67 -5.73 1.39
N ALA A 787 37.49 -6.30 0.51
CA ALA A 787 38.42 -5.50 -0.28
C ALA A 787 37.75 -4.84 -1.47
N LYS A 788 36.50 -5.20 -1.77
CA LYS A 788 35.81 -4.62 -2.91
C LYS A 788 35.13 -3.29 -2.58
N GLY A 789 35.07 -2.90 -1.32
CA GLY A 789 34.43 -1.64 -0.95
C GLY A 789 34.06 -1.62 0.52
N GLN A 790 33.49 -0.50 0.92
CA GLN A 790 33.13 -0.25 2.31
C GLN A 790 31.64 -0.51 2.53
N ASN A 791 31.34 -1.19 3.65
CA ASN A 791 29.96 -1.41 4.09
C ASN A 791 29.12 -2.10 3.01
N LEU A 792 29.66 -3.17 2.43
CA LEU A 792 28.95 -3.94 1.43
C LEU A 792 28.10 -5.00 2.11
N LEU A 793 26.80 -4.99 1.82
CA LEU A 793 25.81 -5.93 2.35
C LEU A 793 25.49 -5.62 3.81
N PHE A 794 26.53 -5.53 4.63
CA PHE A 794 26.42 -5.15 6.04
C PHE A 794 27.38 -3.99 6.30
N ASN A 795 27.12 -3.26 7.38
CA ASN A 795 28.04 -2.22 7.82
C ASN A 795 29.32 -2.84 8.37
N ASP A 796 30.47 -2.27 7.99
CA ASP A 796 31.75 -2.89 8.34
C ASP A 796 31.98 -2.89 9.84
N GLU A 797 31.37 -1.98 10.58
CA GLU A 797 31.60 -1.95 12.02
C GLU A 797 30.63 -2.84 12.79
N THR A 798 29.84 -3.63 12.07
CA THR A 798 28.91 -4.56 12.72
C THR A 798 29.69 -5.60 13.52
N GLN A 799 29.27 -5.82 14.77
CA GLN A 799 29.90 -6.85 15.58
C GLN A 799 29.34 -8.22 15.26
N CYS A 800 28.03 -8.33 15.17
CA CYS A 800 27.37 -9.56 14.74
C CYS A 800 25.91 -9.21 14.45
N LEU A 801 25.17 -10.20 13.94
CA LEU A 801 23.74 -10.08 13.73
C LEU A 801 23.00 -10.76 14.87
N ILE A 802 21.96 -10.11 15.37
CA ILE A 802 21.19 -10.58 16.52
C ILE A 802 19.75 -10.78 16.08
N GLU A 803 19.20 -11.95 16.38
CA GLU A 803 17.80 -12.24 16.05
C GLU A 803 16.88 -11.21 16.69
N PHE A 804 15.96 -10.66 15.88
CA PHE A 804 14.98 -9.70 16.40
C PHE A 804 13.97 -10.46 17.25
N ASP A 805 13.84 -10.06 18.52
CA ASP A 805 12.91 -10.70 19.46
C ASP A 805 11.58 -9.99 19.36
N ARG A 806 10.67 -10.55 18.55
CA ARG A 806 9.39 -9.92 18.30
C ARG A 806 8.55 -9.93 19.58
N GLN A 807 8.08 -8.74 19.99
CA GLN A 807 7.25 -8.55 21.17
C GLN A 807 5.78 -8.45 20.76
N PRO A 808 4.85 -8.80 21.67
CA PRO A 808 3.42 -8.64 21.35
C PRO A 808 2.97 -7.19 21.39
N LYS A 809 3.33 -6.43 20.36
CA LYS A 809 2.95 -5.03 20.25
C LYS A 809 3.06 -4.63 18.78
N ASP A 810 2.69 -3.39 18.50
CA ASP A 810 2.81 -2.86 17.13
C ASP A 810 4.25 -2.96 16.66
N ILE A 811 4.45 -3.45 15.43
CA ILE A 811 5.80 -3.63 14.91
C ILE A 811 6.50 -2.28 14.79
N MET A 812 5.75 -1.21 14.52
CA MET A 812 6.33 0.13 14.47
C MET A 812 6.98 0.50 15.79
N GLU A 813 6.25 0.33 16.90
CA GLU A 813 6.83 0.60 18.20
C GLU A 813 7.89 -0.43 18.54
N ASP A 814 7.68 -1.69 18.13
CA ASP A 814 8.64 -2.74 18.44
C ASP A 814 9.99 -2.47 17.80
N TYR A 815 10.01 -2.08 16.53
CA TYR A 815 11.30 -1.88 15.86
C TYR A 815 11.89 -0.52 16.18
N PHE A 816 11.10 0.56 16.04
CA PHE A 816 11.66 1.90 16.21
C PHE A 816 11.88 2.27 17.68
N GLY A 817 11.14 1.64 18.59
CA GLY A 817 11.06 2.15 19.95
C GLY A 817 10.06 3.31 20.02
N VAL A 818 9.39 3.48 21.16
CA VAL A 818 8.30 4.45 21.21
C VAL A 818 8.82 5.88 21.02
N ARG A 819 10.01 6.18 21.54
CA ARG A 819 10.53 7.54 21.44
C ARG A 819 10.77 7.95 19.98
N TYR A 820 11.54 7.14 19.25
CA TYR A 820 11.81 7.45 17.85
C TYR A 820 10.52 7.45 17.02
N TYR A 821 9.67 6.43 17.22
CA TYR A 821 8.39 6.36 16.54
C TYR A 821 7.59 7.66 16.73
N THR A 822 7.57 8.19 17.95
CA THR A 822 6.83 9.41 18.23
C THR A 822 7.51 10.64 17.65
N ALA A 823 8.83 10.75 17.85
CA ALA A 823 9.54 11.95 17.43
C ALA A 823 9.51 12.13 15.92
N VAL A 824 9.67 11.05 15.16
CA VAL A 824 9.88 11.15 13.72
C VAL A 824 8.59 10.92 12.95
N TYR A 825 7.71 10.05 13.45
CA TYR A 825 6.48 9.70 12.73
C TYR A 825 5.20 10.00 13.49
N SER A 826 5.28 10.72 14.61
CA SER A 826 4.13 11.04 15.46
C SER A 826 3.41 9.79 15.96
N ALA A 827 4.12 8.66 16.02
CA ALA A 827 3.55 7.38 16.43
C ALA A 827 2.34 7.01 15.58
N SER A 828 2.42 7.34 14.29
CA SER A 828 1.32 7.19 13.35
C SER A 828 1.68 6.20 12.25
N ARG A 829 0.69 5.42 11.81
CA ARG A 829 0.82 4.57 10.63
C ARG A 829 0.34 5.25 9.36
N SER A 830 0.22 6.58 9.36
CA SER A 830 -0.31 7.32 8.22
C SER A 830 0.72 8.15 7.48
N ALA A 831 1.98 8.19 7.95
CA ALA A 831 3.01 8.91 7.21
C ALA A 831 3.28 8.23 5.87
N VAL A 832 3.63 9.03 4.87
CA VAL A 832 3.92 8.49 3.54
C VAL A 832 5.30 8.97 3.11
N PRO A 833 6.39 8.44 3.67
CA PRO A 833 7.72 8.84 3.22
C PRO A 833 8.12 8.24 1.88
N SER A 834 7.36 7.29 1.35
CA SER A 834 7.63 6.74 0.02
C SER A 834 6.32 6.47 -0.68
N GLU A 835 6.22 6.86 -1.96
CA GLU A 835 5.00 6.62 -2.73
C GLU A 835 4.76 5.14 -3.01
N LEU A 836 5.67 4.26 -2.60
CA LEU A 836 5.37 2.84 -2.66
C LEU A 836 4.30 2.45 -1.64
N ILE A 837 4.24 3.16 -0.52
CA ILE A 837 3.37 2.74 0.59
C ILE A 837 1.90 2.63 0.18
N PRO A 838 1.30 3.61 -0.52
CA PRO A 838 -0.11 3.42 -0.91
C PRO A 838 -0.32 2.22 -1.83
N ALA A 839 0.68 1.83 -2.62
CA ALA A 839 0.51 0.67 -3.49
C ALA A 839 0.69 -0.63 -2.73
N CYS A 840 1.69 -0.71 -1.84
CA CYS A 840 1.93 -1.95 -1.14
C CYS A 840 0.96 -2.18 0.03
N THR A 841 0.17 -1.18 0.41
CA THR A 841 -0.86 -1.36 1.43
C THR A 841 -2.27 -1.46 0.85
N PHE A 842 -2.40 -1.40 -0.47
CA PHE A 842 -3.68 -1.59 -1.13
C PHE A 842 -4.28 -2.94 -0.72
N LYS A 843 -5.58 -2.95 -0.37
CA LYS A 843 -6.23 -4.14 0.17
C LYS A 843 -6.83 -4.99 -0.93
N HIS A 844 -6.87 -6.30 -0.71
CA HIS A 844 -7.17 -7.28 -1.74
C HIS A 844 -8.40 -8.12 -1.39
N CYS A 845 -8.89 -8.83 -2.40
CA CYS A 845 -10.08 -9.68 -2.30
C CYS A 845 -9.62 -11.13 -2.42
N SER A 846 -9.04 -11.64 -1.35
CA SER A 846 -8.41 -12.95 -1.38
C SER A 846 -9.14 -13.90 -0.43
N ASN A 847 -8.85 -15.19 -0.61
CA ASN A 847 -9.49 -16.27 0.12
C ASN A 847 -8.46 -17.03 0.94
N SER A 848 -8.94 -17.80 1.90
CA SER A 848 -8.08 -18.59 2.77
C SER A 848 -8.01 -20.04 2.30
#